data_6NI2
#
_entry.id   6NI2
#
_cell.length_a   1.00
_cell.length_b   1.00
_cell.length_c   1.00
_cell.angle_alpha   90.00
_cell.angle_beta   90.00
_cell.angle_gamma   90.00
#
_symmetry.space_group_name_H-M   'P 1'
#
loop_
_entity.id
_entity.type
_entity.pdbx_description
1 polymer 'Nanobody 32'
2 polymer Beta-arrestin-1
3 polymer 'Fab30 Heavy Chain'
4 polymer 'Fab30 Light Chain'
5 polymer 'Vasopressin V2 receptor'
#
loop_
_entity_poly.entity_id
_entity_poly.type
_entity_poly.pdbx_seq_one_letter_code
_entity_poly.pdbx_strand_id
1 'polypeptide(L)'
;QVQLQESGGGLVQAGGSLRLSCVVSGFFFDTVTMAWYRRAPGKHRELVASATAGGTTTYADSVKDRFTISRDNAKNTVYL
QMNSLKPEDTAVYYCNTFVRSLSWGQGTQVTVSSHHHHHHEPEA
;
A
2 'polypeptide(L)'
;MGDKGTRVFKKASPNGKLTVYLGKRDFVDHIDLVEPVDGVVLVDPEYLKERRVYVTLTCAFRYGREDLDVLGLTFRKDLF
VANVQSFPPAPEDKKPLTRLQERLIKKLGEHAYPFTFEIPPNLPCSVTLQPGPEDTGKACGVDYEVKAFCAENLEEKIHK
RNSVRLVIRKVQYAPERPGPQPTAETTRQFLMSDKPLHLEASLDKEIYYHGEPISVNVHVTNNTNKTVKKIKISVRQYAD
ICLFNTAQYKCPVAMEEADDTVAPSSTFCKVYTLTPFLANNREKRGLALDGKLKHEDTNLASSTLLREGANREILGIIVS
YKVKVKLVVSRGGLLGDLASSDVAVELPFTLMHPKPKEEPPHREVPEHETPVDTNLIELDTNDDDIVFEDFAR
;
B
3 'polypeptide(L)'
;EISEVQLVESGGGLVQPGGSLRLSCAASGFNVYSSSIHWVRQAPGKGLEWVASISSYYGYTYYADSVKGRFTISADTSKN
TAYLQMNSLRAEDTAVYYCARSRQFWYSGLDYWGQGTLVTVSSASTKGPSVFPLAPSSKSTSGGTAALGCLVKDYFPEPV
TVSWNSGALTSGVHTFPAVLQSSGLYSLSSVVTVPSSSLGTQTYICNVNHKPSNTKVDKKVEPKSCDKTHHHHHHHH
;
H
4 'polypeptide(L)'
;SDIQMTQSPSSLSASVGDRVTITCRASQSVSSAVAWYQQKPGKAPKLLIYSASSLYSGVPSRFSGSRSGTDFTLTISSLQ
PEDFATYYCQQYKYVPVTFGQGTKVEIKRTVAAPSVFIFPPSDSQLKSGTASVVCLLNNFYPREAKVQWKVDNALQSGNS
QESVTEQDSKDSTYSLSSTLTLSKADYEKHKVYACEVTHQGLSSPVTKSFNRGEC
;
L
5 'polypeptide(L)' ARGRTPPSLGPQDE(SEP)C(TPO)(TPO)A(SEP)(SEP)(SEP)LAKD V
#
# COMPACT_ATOMS: atom_id res chain seq x y z
N GLN A 1 4.40 -24.70 8.43
CA GLN A 1 4.68 -24.98 7.04
C GLN A 1 3.57 -25.83 6.43
N VAL A 2 3.36 -25.69 5.12
CA VAL A 2 2.32 -26.41 4.41
C VAL A 2 2.96 -27.08 3.20
N GLN A 3 3.06 -28.40 3.23
CA GLN A 3 3.50 -29.12 2.06
C GLN A 3 2.32 -29.77 1.35
N LEU A 4 2.32 -29.64 0.03
CA LEU A 4 1.30 -30.23 -0.83
C LEU A 4 2.00 -30.79 -2.04
N GLN A 5 1.55 -31.94 -2.52
CA GLN A 5 2.22 -32.55 -3.66
C GLN A 5 1.24 -33.41 -4.45
N GLU A 6 0.76 -32.87 -5.57
CA GLU A 6 0.11 -33.70 -6.57
C GLU A 6 1.09 -34.75 -7.07
N SER A 7 0.62 -35.97 -7.19
CA SER A 7 1.52 -37.10 -7.41
C SER A 7 1.11 -37.83 -8.68
N GLY A 8 2.08 -38.06 -9.56
CA GLY A 8 1.83 -38.71 -10.82
C GLY A 8 1.32 -37.77 -11.87
N GLY A 9 0.88 -38.36 -12.97
CA GLY A 9 0.33 -37.56 -14.06
C GLY A 9 1.41 -37.09 -15.00
N GLY A 10 1.20 -37.30 -16.29
CA GLY A 10 2.20 -36.99 -17.30
C GLY A 10 1.67 -37.27 -18.68
N LEU A 11 2.46 -37.98 -19.48
CA LEU A 11 2.03 -38.36 -20.82
C LEU A 11 0.93 -39.41 -20.73
N VAL A 12 -0.16 -39.18 -21.45
CA VAL A 12 -1.30 -40.09 -21.45
C VAL A 12 -1.92 -40.08 -22.85
N GLN A 13 -2.27 -41.25 -23.34
CA GLN A 13 -2.92 -41.31 -24.64
C GLN A 13 -4.42 -41.38 -24.41
N ALA A 14 -5.17 -40.93 -25.43
CA ALA A 14 -6.61 -40.79 -25.31
C ALA A 14 -7.29 -42.13 -25.16
N GLY A 15 -8.36 -42.16 -24.37
CA GLY A 15 -9.03 -43.40 -24.08
C GLY A 15 -8.30 -44.29 -23.10
N GLY A 16 -7.28 -43.76 -22.43
CA GLY A 16 -6.55 -44.53 -21.44
C GLY A 16 -7.06 -44.30 -20.03
N SER A 17 -6.18 -43.84 -19.16
CA SER A 17 -6.49 -43.67 -17.76
C SER A 17 -5.40 -42.82 -17.12
N LEU A 18 -5.68 -42.38 -15.90
CA LEU A 18 -4.70 -41.70 -15.05
C LEU A 18 -4.90 -42.10 -13.61
N ARG A 19 -4.03 -41.58 -12.75
CA ARG A 19 -4.21 -41.64 -11.31
C ARG A 19 -3.40 -40.50 -10.70
N LEU A 20 -3.99 -39.81 -9.74
CA LEU A 20 -3.36 -38.69 -9.06
C LEU A 20 -3.65 -38.78 -7.58
N SER A 21 -2.80 -38.13 -6.78
CA SER A 21 -3.03 -38.03 -5.34
C SER A 21 -2.25 -36.86 -4.78
N CYS A 22 -2.69 -36.39 -3.61
CA CYS A 22 -1.98 -35.34 -2.89
C CYS A 22 -2.28 -35.42 -1.41
N VAL A 23 -1.29 -35.02 -0.62
CA VAL A 23 -1.31 -35.12 0.83
C VAL A 23 -1.23 -33.71 1.39
N VAL A 24 -2.07 -33.40 2.38
CA VAL A 24 -1.92 -32.14 3.10
C VAL A 24 -0.94 -32.38 4.24
N SER A 25 -0.35 -31.29 4.73
CA SER A 25 0.72 -31.40 5.72
C SER A 25 0.42 -30.48 6.88
N GLY A 26 0.20 -31.05 8.07
CA GLY A 26 0.19 -30.30 9.29
C GLY A 26 -1.13 -30.28 10.03
N PHE A 27 -2.22 -30.11 9.30
CA PHE A 27 -3.52 -29.86 9.89
C PHE A 27 -4.06 -31.08 10.62
N PHE A 28 -4.83 -30.83 11.68
CA PHE A 28 -5.57 -31.88 12.38
C PHE A 28 -6.84 -32.14 11.59
N PHE A 29 -6.81 -33.23 10.81
CA PHE A 29 -7.65 -33.47 9.64
C PHE A 29 -8.99 -34.11 10.04
N ASP A 30 -9.47 -33.81 11.25
CA ASP A 30 -10.60 -34.47 11.89
C ASP A 30 -11.91 -34.29 11.14
N THR A 31 -12.40 -33.06 11.08
CA THR A 31 -13.57 -32.69 10.29
C THR A 31 -13.12 -31.70 9.23
N VAL A 32 -13.50 -31.95 7.98
CA VAL A 32 -12.79 -31.35 6.86
C VAL A 32 -13.65 -31.45 5.60
N THR A 33 -13.38 -30.57 4.66
CA THR A 33 -13.76 -30.71 3.27
C THR A 33 -12.52 -30.93 2.45
N MET A 34 -12.68 -31.19 1.16
CA MET A 34 -11.55 -31.15 0.23
C MET A 34 -11.95 -30.34 -1.01
N ALA A 35 -11.75 -29.03 -0.92
CA ALA A 35 -12.14 -28.08 -1.95
C ALA A 35 -11.09 -28.04 -3.06
N TRP A 36 -10.99 -29.16 -3.77
CA TRP A 36 -10.19 -29.26 -4.99
C TRP A 36 -10.59 -28.20 -6.01
N TYR A 37 -9.62 -27.55 -6.62
CA TYR A 37 -9.83 -26.84 -7.87
C TYR A 37 -9.04 -27.51 -8.97
N ARG A 38 -9.18 -26.97 -10.19
CA ARG A 38 -8.33 -27.34 -11.30
C ARG A 38 -8.29 -26.15 -12.27
N ARG A 39 -7.18 -26.01 -12.97
CA ARG A 39 -7.00 -24.91 -13.91
C ARG A 39 -7.21 -25.36 -15.35
N ALA A 40 -6.83 -24.48 -16.25
CA ALA A 40 -6.87 -24.68 -17.69
C ALA A 40 -5.86 -23.72 -18.28
N PRO A 41 -5.31 -24.01 -19.52
CA PRO A 41 -4.22 -23.17 -20.05
C PRO A 41 -4.62 -21.74 -20.35
N GLY A 42 -4.13 -20.82 -19.54
CA GLY A 42 -4.50 -19.42 -19.64
C GLY A 42 -5.97 -19.21 -19.32
N LYS A 43 -6.41 -19.61 -18.13
CA LYS A 43 -7.82 -19.49 -17.83
C LYS A 43 -8.00 -19.24 -16.33
N HIS A 44 -9.15 -18.65 -16.03
CA HIS A 44 -9.82 -18.72 -14.75
C HIS A 44 -9.73 -20.10 -14.12
N ARG A 45 -9.47 -20.13 -12.80
CA ARG A 45 -9.25 -21.37 -12.04
C ARG A 45 -10.59 -21.84 -11.46
N GLU A 46 -10.99 -23.07 -11.77
CA GLU A 46 -12.37 -23.51 -11.55
C GLU A 46 -12.45 -24.75 -10.67
N LEU A 47 -13.66 -25.04 -10.18
CA LEU A 47 -13.90 -26.06 -9.16
C LEU A 47 -14.33 -27.38 -9.79
N VAL A 48 -13.66 -28.46 -9.38
CA VAL A 48 -14.12 -29.84 -9.53
C VAL A 48 -13.78 -30.53 -8.21
N ALA A 49 -14.74 -30.74 -7.33
CA ALA A 49 -14.36 -31.26 -6.01
C ALA A 49 -15.49 -32.06 -5.39
N SER A 50 -15.13 -32.78 -4.34
CA SER A 50 -16.07 -33.56 -3.57
C SER A 50 -15.44 -33.99 -2.26
N ALA A 51 -16.10 -34.96 -1.62
CA ALA A 51 -15.51 -35.90 -0.67
C ALA A 51 -15.02 -35.23 0.61
N THR A 52 -16.00 -34.77 1.41
CA THR A 52 -15.78 -34.86 2.84
C THR A 52 -15.96 -36.31 3.28
N ALA A 53 -15.51 -36.63 4.48
CA ALA A 53 -15.75 -37.97 4.99
C ALA A 53 -17.23 -38.10 5.36
N GLY A 54 -17.76 -39.29 5.16
CA GLY A 54 -19.16 -39.55 5.43
C GLY A 54 -20.06 -39.56 4.21
N GLY A 55 -19.53 -39.89 3.03
CA GLY A 55 -20.38 -40.09 1.86
C GLY A 55 -20.69 -38.88 1.01
N THR A 56 -19.67 -38.23 0.47
CA THR A 56 -19.87 -37.13 -0.46
C THR A 56 -19.28 -37.46 -1.82
N THR A 57 -20.15 -37.64 -2.81
CA THR A 57 -19.77 -37.83 -4.21
C THR A 57 -20.43 -36.69 -4.96
N THR A 58 -19.75 -35.56 -5.07
CA THR A 58 -20.31 -34.40 -5.75
C THR A 58 -19.41 -33.96 -6.90
N TYR A 59 -20.00 -33.23 -7.84
CA TYR A 59 -19.28 -32.91 -9.07
C TYR A 59 -19.80 -31.60 -9.63
N ALA A 60 -18.92 -30.94 -10.39
CA ALA A 60 -19.34 -30.02 -11.43
C ALA A 60 -19.46 -30.83 -12.71
N ASP A 61 -20.65 -30.87 -13.28
CA ASP A 61 -21.13 -31.89 -14.22
C ASP A 61 -20.42 -31.92 -15.53
N SER A 62 -19.36 -31.15 -15.75
CA SER A 62 -18.49 -31.40 -16.88
C SER A 62 -17.86 -32.79 -16.83
N VAL A 63 -17.53 -33.27 -15.63
CA VAL A 63 -16.68 -34.44 -15.46
C VAL A 63 -17.32 -35.51 -14.58
N LYS A 64 -18.64 -35.63 -14.64
CA LYS A 64 -19.29 -36.65 -13.85
C LYS A 64 -19.07 -38.04 -14.46
N ASP A 65 -19.57 -39.04 -13.75
CA ASP A 65 -19.76 -40.42 -14.18
C ASP A 65 -18.45 -41.15 -14.50
N ARG A 66 -17.30 -40.51 -14.29
CA ARG A 66 -16.03 -41.04 -14.75
C ARG A 66 -14.95 -41.03 -13.68
N PHE A 67 -15.07 -40.19 -12.65
CA PHE A 67 -13.97 -39.96 -11.73
C PHE A 67 -14.31 -40.56 -10.38
N THR A 68 -13.57 -41.60 -9.99
CA THR A 68 -13.67 -42.16 -8.65
C THR A 68 -12.91 -41.21 -7.72
N ILE A 69 -13.57 -40.11 -7.39
CA ILE A 69 -13.02 -39.18 -6.43
C ILE A 69 -13.08 -39.83 -5.06
N SER A 70 -11.96 -39.83 -4.35
CA SER A 70 -11.85 -40.69 -3.18
C SER A 70 -10.80 -40.16 -2.23
N ARG A 71 -11.20 -39.98 -0.98
CA ARG A 71 -10.29 -39.51 0.05
C ARG A 71 -9.64 -40.69 0.76
N ASP A 72 -9.00 -40.39 1.89
CA ASP A 72 -8.26 -41.34 2.71
C ASP A 72 -8.06 -40.67 4.07
N ASN A 73 -7.94 -41.48 5.13
CA ASN A 73 -7.84 -40.96 6.49
C ASN A 73 -6.42 -41.05 7.05
N ALA A 74 -5.84 -42.25 7.05
CA ALA A 74 -4.55 -42.46 7.71
C ALA A 74 -3.41 -41.86 6.91
N LYS A 75 -3.43 -42.00 5.59
CA LYS A 75 -2.42 -41.35 4.77
C LYS A 75 -2.61 -39.85 4.70
N ASN A 76 -3.81 -39.37 5.02
CA ASN A 76 -4.24 -37.98 4.86
C ASN A 76 -4.00 -37.52 3.42
N THR A 77 -4.60 -38.26 2.49
CA THR A 77 -4.54 -37.94 1.09
C THR A 77 -5.91 -38.11 0.47
N VAL A 78 -6.00 -37.78 -0.81
CA VAL A 78 -7.27 -37.85 -1.54
C VAL A 78 -6.92 -37.93 -3.04
N TYR A 79 -7.61 -38.81 -3.73
CA TYR A 79 -7.13 -39.35 -4.99
C TYR A 79 -7.90 -38.77 -6.17
N LEU A 80 -7.56 -39.23 -7.37
CA LEU A 80 -8.26 -38.85 -8.60
C LEU A 80 -8.02 -39.90 -9.67
N GLN A 81 -9.05 -40.66 -10.01
CA GLN A 81 -9.03 -41.60 -11.12
C GLN A 81 -9.71 -40.97 -12.32
N MET A 82 -9.11 -41.16 -13.50
CA MET A 82 -9.64 -40.57 -14.72
C MET A 82 -9.76 -41.64 -15.80
N ASN A 83 -10.66 -41.41 -16.76
CA ASN A 83 -10.97 -42.38 -17.80
C ASN A 83 -11.36 -41.64 -19.06
N SER A 84 -10.82 -42.09 -20.21
CA SER A 84 -11.24 -41.69 -21.55
C SER A 84 -11.10 -40.18 -21.77
N LEU A 85 -9.85 -39.74 -21.80
CA LEU A 85 -9.54 -38.35 -21.48
C LEU A 85 -9.58 -37.46 -22.71
N LYS A 86 -10.33 -36.37 -22.58
CA LYS A 86 -10.86 -35.40 -23.53
C LYS A 86 -9.85 -34.27 -23.74
N PRO A 87 -9.92 -33.55 -24.86
CA PRO A 87 -9.14 -32.30 -24.97
C PRO A 87 -9.46 -31.26 -23.91
N GLU A 88 -10.65 -31.29 -23.31
CA GLU A 88 -10.92 -30.49 -22.12
C GLU A 88 -10.42 -31.14 -20.84
N ASP A 89 -10.18 -32.45 -20.85
CA ASP A 89 -9.60 -33.07 -19.67
C ASP A 89 -8.15 -32.70 -19.50
N THR A 90 -7.45 -32.45 -20.60
CA THR A 90 -6.07 -31.97 -20.55
C THR A 90 -6.04 -30.58 -19.92
N ALA A 91 -5.42 -30.50 -18.75
CA ALA A 91 -5.37 -29.27 -17.98
C ALA A 91 -4.24 -29.38 -16.96
N VAL A 92 -4.18 -28.44 -16.05
CA VAL A 92 -3.19 -28.43 -14.98
C VAL A 92 -3.93 -28.58 -13.68
N TYR A 93 -3.78 -29.74 -13.05
CA TYR A 93 -4.65 -30.14 -11.94
C TYR A 93 -4.00 -29.81 -10.62
N TYR A 94 -4.75 -29.12 -9.77
CA TYR A 94 -4.27 -28.78 -8.44
C TYR A 94 -5.03 -29.61 -7.43
N CYS A 95 -4.56 -29.58 -6.19
CA CYS A 95 -5.33 -30.13 -5.07
C CYS A 95 -5.32 -29.06 -4.00
N ASN A 96 -6.22 -28.11 -4.14
CA ASN A 96 -6.39 -27.07 -3.15
C ASN A 96 -7.50 -27.52 -2.20
N THR A 97 -7.68 -26.77 -1.12
CA THR A 97 -8.80 -26.80 -0.21
C THR A 97 -8.69 -25.56 0.65
N PHE A 98 -9.81 -24.90 0.93
CA PHE A 98 -9.74 -23.70 1.77
C PHE A 98 -9.88 -24.04 3.26
N VAL A 99 -9.11 -25.03 3.71
CA VAL A 99 -8.90 -25.23 5.15
C VAL A 99 -8.00 -24.13 5.69
N ARG A 100 -6.79 -24.03 5.13
CA ARG A 100 -5.93 -22.88 5.35
C ARG A 100 -5.89 -21.99 4.13
N SER A 101 -6.79 -22.22 3.17
CA SER A 101 -6.75 -21.63 1.83
C SER A 101 -5.35 -21.84 1.25
N LEU A 102 -5.07 -23.12 1.02
CA LEU A 102 -3.73 -23.57 0.67
C LEU A 102 -3.26 -22.97 -0.63
N SER A 103 -2.16 -22.24 -0.57
CA SER A 103 -1.47 -21.89 -1.80
C SER A 103 -1.00 -23.18 -2.45
N TRP A 104 -1.26 -23.31 -3.74
CA TRP A 104 -1.22 -24.61 -4.39
C TRP A 104 0.21 -25.06 -4.65
N GLY A 105 0.33 -26.24 -5.22
CA GLY A 105 1.62 -26.76 -5.61
C GLY A 105 2.03 -26.20 -6.96
N GLN A 106 2.39 -27.07 -7.89
CA GLN A 106 2.70 -26.65 -9.24
C GLN A 106 1.80 -27.27 -10.31
N GLY A 107 1.09 -28.34 -10.00
CA GLY A 107 0.14 -28.91 -10.93
C GLY A 107 0.75 -29.91 -11.86
N THR A 108 0.20 -31.11 -11.90
CA THR A 108 0.59 -32.05 -12.95
C THR A 108 -0.04 -31.63 -14.27
N GLN A 109 0.34 -32.32 -15.33
CA GLN A 109 -0.05 -31.87 -16.66
C GLN A 109 -0.10 -33.04 -17.62
N VAL A 110 -1.08 -33.00 -18.53
CA VAL A 110 -1.38 -34.11 -19.42
C VAL A 110 -1.53 -33.58 -20.85
N THR A 111 -1.93 -34.47 -21.76
CA THR A 111 -1.93 -34.24 -23.20
C THR A 111 -2.89 -35.24 -23.85
N VAL A 112 -3.62 -34.81 -24.88
CA VAL A 112 -4.43 -35.73 -25.68
C VAL A 112 -4.04 -35.61 -27.15
N SER A 113 -3.69 -36.73 -27.76
CA SER A 113 -3.33 -36.78 -29.18
C SER A 113 -4.23 -37.74 -29.96
N THR B 6 -8.31 -8.89 -13.19
CA THR B 6 -8.09 -8.21 -11.93
C THR B 6 -7.95 -9.18 -10.78
N ARG B 7 -7.69 -8.67 -9.57
CA ARG B 7 -7.45 -9.49 -8.40
C ARG B 7 -8.49 -9.22 -7.32
N VAL B 8 -8.60 -10.15 -6.37
CA VAL B 8 -9.44 -9.98 -5.20
C VAL B 8 -8.68 -10.49 -4.01
N PHE B 9 -9.11 -10.06 -2.85
CA PHE B 9 -8.56 -10.47 -1.57
C PHE B 9 -9.34 -11.64 -1.00
N LYS B 10 -8.63 -12.55 -0.32
CA LYS B 10 -9.29 -13.65 0.37
C LYS B 10 -8.61 -13.97 1.69
N LYS B 11 -9.40 -14.44 2.66
CA LYS B 11 -8.90 -14.85 3.97
C LYS B 11 -9.74 -15.97 4.56
N ALA B 12 -9.10 -17.04 5.05
CA ALA B 12 -9.83 -18.21 5.54
C ALA B 12 -9.79 -18.33 7.06
N SER B 13 -10.85 -18.92 7.64
CA SER B 13 -10.86 -19.26 9.05
C SER B 13 -9.87 -20.37 9.38
N PRO B 14 -9.38 -20.43 10.64
CA PRO B 14 -8.46 -21.51 11.03
C PRO B 14 -8.96 -22.92 10.77
N ASN B 15 -10.26 -23.16 10.95
CA ASN B 15 -10.87 -24.47 10.74
C ASN B 15 -11.36 -24.70 9.32
N GLY B 16 -11.21 -23.70 8.43
CA GLY B 16 -11.56 -23.82 7.04
C GLY B 16 -13.00 -23.74 6.63
N LYS B 17 -13.92 -23.78 7.60
CA LYS B 17 -15.35 -23.76 7.27
C LYS B 17 -15.78 -22.47 6.58
N LEU B 18 -15.08 -21.37 6.80
CA LEU B 18 -15.47 -20.08 6.25
C LEU B 18 -14.34 -19.37 5.51
N THR B 19 -14.66 -18.77 4.38
CA THR B 19 -13.68 -17.99 3.63
C THR B 19 -14.36 -16.71 3.13
N VAL B 20 -13.95 -15.57 3.68
CA VAL B 20 -14.51 -14.26 3.34
C VAL B 20 -13.81 -13.70 2.10
N TYR B 21 -14.58 -13.19 1.14
CA TYR B 21 -14.06 -12.53 -0.05
C TYR B 21 -14.50 -11.08 -0.15
N LEU B 22 -13.54 -10.18 -0.37
CA LEU B 22 -13.85 -8.78 -0.58
C LEU B 22 -13.17 -8.34 -1.86
N GLY B 23 -13.73 -7.29 -2.47
CA GLY B 23 -13.16 -6.80 -3.71
C GLY B 23 -11.99 -5.86 -3.53
N LYS B 24 -11.96 -5.11 -2.42
CA LYS B 24 -10.90 -4.15 -2.15
C LYS B 24 -10.91 -3.79 -0.67
N ARG B 25 -9.80 -3.22 -0.22
CA ARG B 25 -9.63 -2.83 1.18
C ARG B 25 -9.86 -1.35 1.43
N ASP B 26 -9.61 -0.51 0.43
CA ASP B 26 -9.75 0.93 0.58
C ASP B 26 -11.10 1.34 -0.02
N PHE B 27 -11.92 1.98 0.80
CA PHE B 27 -13.25 2.44 0.42
C PHE B 27 -13.31 3.96 0.43
N VAL B 28 -13.69 4.54 -0.71
CA VAL B 28 -13.59 5.99 -0.86
C VAL B 28 -14.83 6.59 -0.22
N ASP B 29 -14.62 7.47 0.75
CA ASP B 29 -15.67 8.25 1.37
C ASP B 29 -15.89 9.55 0.61
N HIS B 30 -17.04 9.70 0.00
CA HIS B 30 -17.33 10.93 -0.71
C HIS B 30 -18.02 11.85 0.29
N ILE B 31 -18.68 12.92 -0.18
CA ILE B 31 -19.31 13.90 0.71
C ILE B 31 -20.38 13.25 1.59
N ASP B 32 -21.40 12.68 0.98
CA ASP B 32 -22.42 12.00 1.78
C ASP B 32 -22.57 10.53 1.48
N LEU B 33 -22.40 10.12 0.23
CA LEU B 33 -22.51 8.71 -0.06
C LEU B 33 -21.20 8.00 0.27
N VAL B 34 -21.33 6.72 0.60
CA VAL B 34 -20.22 5.81 0.84
C VAL B 34 -20.24 4.84 -0.33
N GLU B 35 -19.08 4.31 -0.71
CA GLU B 35 -19.10 3.19 -1.64
C GLU B 35 -19.67 1.97 -0.94
N PRO B 36 -20.35 1.07 -1.65
CA PRO B 36 -20.91 -0.11 -0.98
C PRO B 36 -19.84 -1.12 -0.65
N VAL B 37 -20.07 -1.85 0.45
CA VAL B 37 -19.17 -2.92 0.85
C VAL B 37 -19.76 -4.20 0.28
N ASP B 38 -19.33 -4.56 -0.92
CA ASP B 38 -19.84 -5.76 -1.58
C ASP B 38 -18.82 -6.89 -1.55
N GLY B 39 -19.31 -8.09 -1.29
CA GLY B 39 -18.46 -9.26 -1.28
C GLY B 39 -19.30 -10.52 -1.28
N VAL B 40 -18.62 -11.67 -1.12
CA VAL B 40 -19.30 -12.94 -0.94
C VAL B 40 -18.63 -13.67 0.21
N VAL B 41 -19.34 -14.67 0.75
CA VAL B 41 -18.87 -15.57 1.80
C VAL B 41 -19.05 -16.99 1.28
N LEU B 42 -17.96 -17.71 1.10
CA LEU B 42 -18.10 -19.09 0.68
C LEU B 42 -18.29 -19.99 1.90
N VAL B 43 -19.41 -20.69 1.94
CA VAL B 43 -19.76 -21.60 3.03
C VAL B 43 -19.70 -23.00 2.47
N ASP B 44 -18.85 -23.84 3.02
CA ASP B 44 -18.80 -25.20 2.51
C ASP B 44 -19.93 -26.05 3.11
N PRO B 45 -20.86 -26.50 2.26
CA PRO B 45 -22.03 -27.27 2.74
C PRO B 45 -21.70 -28.63 3.27
N GLU B 46 -20.50 -29.12 3.06
CA GLU B 46 -20.12 -30.43 3.59
C GLU B 46 -20.03 -30.37 5.10
N TYR B 47 -19.88 -29.18 5.64
CA TYR B 47 -19.68 -28.96 7.04
C TYR B 47 -20.81 -28.09 7.59
N LEU B 48 -21.58 -27.44 6.72
CA LEU B 48 -22.68 -26.62 7.21
C LEU B 48 -23.85 -27.51 7.57
N LYS B 49 -24.45 -27.24 8.72
CA LYS B 49 -25.64 -27.92 9.17
C LYS B 49 -26.44 -26.89 9.96
N GLU B 50 -25.70 -25.90 10.49
CA GLU B 50 -26.17 -24.93 11.49
C GLU B 50 -27.27 -24.04 10.99
N ARG B 51 -27.50 -24.00 9.68
CA ARG B 51 -28.63 -23.37 9.03
C ARG B 51 -28.67 -21.84 9.15
N ARG B 52 -27.59 -21.19 9.59
CA ARG B 52 -27.54 -19.72 9.68
C ARG B 52 -26.10 -19.27 9.81
N VAL B 53 -25.65 -18.52 8.81
CA VAL B 53 -24.32 -17.94 8.72
C VAL B 53 -24.46 -16.42 8.81
N TYR B 54 -23.77 -15.80 9.76
CA TYR B 54 -23.85 -14.35 9.89
C TYR B 54 -22.55 -13.70 9.43
N VAL B 55 -22.65 -12.46 8.98
CA VAL B 55 -21.51 -11.59 8.70
C VAL B 55 -21.79 -10.31 9.46
N THR B 56 -20.79 -9.75 10.12
CA THR B 56 -21.03 -8.57 10.94
C THR B 56 -20.02 -7.49 10.62
N LEU B 57 -20.51 -6.27 10.42
CA LEU B 57 -19.68 -5.09 10.25
C LEU B 57 -19.61 -4.31 11.54
N THR B 58 -18.41 -4.03 12.01
CA THR B 58 -18.25 -3.36 13.29
C THR B 58 -17.35 -2.15 13.14
N CYS B 59 -17.88 -0.99 13.52
CA CYS B 59 -17.10 0.24 13.68
C CYS B 59 -16.82 0.40 15.17
N ALA B 60 -15.57 0.33 15.54
CA ALA B 60 -15.22 0.34 16.94
C ALA B 60 -14.18 1.38 17.21
N PHE B 61 -14.23 1.92 18.43
CA PHE B 61 -13.16 2.77 18.92
C PHE B 61 -12.27 1.91 19.77
N ARG B 62 -11.03 1.75 19.33
CA ARG B 62 -10.08 0.94 20.05
C ARG B 62 -9.16 1.89 20.80
N TYR B 63 -8.85 1.54 22.04
CA TYR B 63 -8.03 2.39 22.90
C TYR B 63 -7.36 1.46 23.90
N GLY B 64 -6.28 1.92 24.49
CA GLY B 64 -5.64 1.17 25.56
C GLY B 64 -6.05 1.71 26.91
N ARG B 65 -6.03 0.82 27.89
CA ARG B 65 -6.40 1.17 29.24
C ARG B 65 -5.22 1.77 29.98
N GLU B 66 -5.47 2.91 30.63
CA GLU B 66 -4.42 3.66 31.33
C GLU B 66 -3.96 2.98 32.61
N ASP B 67 -4.78 2.11 33.21
CA ASP B 67 -4.43 1.49 34.49
C ASP B 67 -3.81 0.12 34.33
N LEU B 68 -3.76 -0.42 33.12
CA LEU B 68 -3.19 -1.73 32.86
C LEU B 68 -1.81 -1.55 32.24
N ASP B 69 -0.83 -2.33 32.70
CA ASP B 69 0.52 -2.23 32.16
C ASP B 69 0.82 -3.37 31.21
N VAL B 70 -0.14 -3.70 30.36
CA VAL B 70 -0.04 -4.76 29.37
C VAL B 70 0.02 -4.06 28.02
N LEU B 71 1.18 -4.10 27.37
CA LEU B 71 1.34 -3.40 26.09
C LEU B 71 0.41 -4.00 25.06
N GLY B 72 -0.37 -3.14 24.42
CA GLY B 72 -1.22 -3.61 23.35
C GLY B 72 -2.57 -4.10 23.81
N LEU B 73 -2.86 -4.09 25.12
CA LEU B 73 -4.13 -4.60 25.62
C LEU B 73 -5.16 -3.50 25.38
N THR B 74 -6.19 -3.85 24.63
CA THR B 74 -7.29 -2.97 24.31
C THR B 74 -8.66 -3.60 24.53
N PHE B 75 -9.64 -2.72 24.43
CA PHE B 75 -11.09 -2.90 24.51
C PHE B 75 -11.60 -2.05 23.36
N ARG B 76 -12.68 -2.52 22.76
CA ARG B 76 -13.27 -1.88 21.59
C ARG B 76 -14.69 -1.40 21.87
N LYS B 77 -14.89 -0.09 21.85
CA LYS B 77 -16.23 0.44 22.03
C LYS B 77 -16.82 0.65 20.64
N ASP B 78 -17.96 0.01 20.41
CA ASP B 78 -18.64 0.02 19.14
C ASP B 78 -19.31 1.35 18.84
N LEU B 79 -19.18 1.82 17.60
CA LEU B 79 -19.86 3.02 17.19
C LEU B 79 -20.94 2.74 16.17
N PHE B 80 -20.84 1.64 15.45
CA PHE B 80 -21.82 1.26 14.44
C PHE B 80 -21.70 -0.23 14.17
N VAL B 81 -22.80 -0.97 14.31
CA VAL B 81 -22.79 -2.40 14.04
C VAL B 81 -23.93 -2.72 13.10
N ALA B 82 -23.61 -3.42 12.00
CA ALA B 82 -24.62 -3.87 11.04
C ALA B 82 -24.39 -5.34 10.74
N ASN B 83 -25.49 -6.09 10.66
CA ASN B 83 -25.41 -7.52 10.42
C ASN B 83 -26.26 -7.91 9.22
N VAL B 84 -25.80 -8.93 8.49
CA VAL B 84 -26.54 -9.51 7.38
C VAL B 84 -26.38 -11.02 7.44
N GLN B 85 -27.49 -11.74 7.37
CA GLN B 85 -27.54 -13.21 7.30
C GLN B 85 -27.46 -13.63 5.84
N SER B 86 -26.27 -14.03 5.40
CA SER B 86 -26.09 -14.45 4.02
C SER B 86 -26.72 -15.81 3.72
N PHE B 87 -26.61 -16.77 4.61
CA PHE B 87 -27.24 -18.05 4.32
C PHE B 87 -28.13 -18.36 5.51
N PRO B 88 -29.41 -18.70 5.28
CA PRO B 88 -30.11 -18.69 4.01
C PRO B 88 -30.48 -17.28 3.63
N PRO B 89 -30.85 -17.02 2.37
CA PRO B 89 -31.27 -15.67 1.99
C PRO B 89 -32.36 -15.13 2.89
N ALA B 90 -32.14 -13.92 3.39
CA ALA B 90 -33.05 -13.28 4.31
C ALA B 90 -34.43 -13.12 3.67
N PRO B 91 -35.51 -13.42 4.40
CA PRO B 91 -36.85 -13.29 3.80
C PRO B 91 -37.22 -11.86 3.48
N GLU B 92 -36.73 -10.90 4.27
CA GLU B 92 -37.05 -9.49 4.06
C GLU B 92 -36.07 -8.84 3.09
N ASP B 93 -34.76 -8.95 3.36
CA ASP B 93 -33.72 -8.29 2.56
C ASP B 93 -33.80 -8.74 1.11
N LYS B 94 -34.00 -7.78 0.22
CA LYS B 94 -33.99 -8.01 -1.21
C LYS B 94 -33.07 -6.99 -1.87
N LYS B 95 -31.85 -7.38 -2.20
CA LYS B 95 -30.93 -6.36 -2.69
C LYS B 95 -30.34 -6.72 -4.03
N PRO B 96 -30.09 -5.74 -4.89
CA PRO B 96 -29.48 -6.03 -6.19
C PRO B 96 -28.02 -6.37 -6.07
N LEU B 97 -27.55 -7.28 -6.92
CA LEU B 97 -26.15 -7.64 -6.88
C LEU B 97 -25.36 -6.68 -7.77
N THR B 98 -24.12 -6.40 -7.36
CA THR B 98 -23.19 -5.64 -8.19
C THR B 98 -22.62 -6.54 -9.27
N ARG B 99 -22.07 -5.91 -10.31
CA ARG B 99 -21.43 -6.66 -11.39
C ARG B 99 -20.28 -7.49 -10.84
N LEU B 100 -19.52 -6.89 -9.92
CA LEU B 100 -18.46 -7.59 -9.22
C LEU B 100 -19.01 -8.84 -8.52
N GLN B 101 -20.14 -8.67 -7.82
CA GLN B 101 -20.76 -9.78 -7.09
C GLN B 101 -21.19 -10.90 -8.03
N GLU B 102 -21.84 -10.58 -9.14
CA GLU B 102 -22.28 -11.65 -10.04
C GLU B 102 -21.07 -12.36 -10.66
N ARG B 103 -19.97 -11.64 -10.88
CA ARG B 103 -18.74 -12.29 -11.32
C ARG B 103 -18.23 -13.24 -10.24
N LEU B 104 -18.28 -12.83 -8.97
CA LEU B 104 -17.85 -13.71 -7.87
C LEU B 104 -18.71 -14.96 -7.78
N ILE B 105 -20.02 -14.81 -8.01
CA ILE B 105 -20.92 -15.96 -8.01
C ILE B 105 -20.57 -16.89 -9.18
N LYS B 106 -20.26 -16.29 -10.33
CA LYS B 106 -19.85 -17.07 -11.50
C LYS B 106 -18.55 -17.84 -11.20
N LYS B 107 -17.67 -17.28 -10.38
CA LYS B 107 -16.42 -17.96 -10.10
C LYS B 107 -16.61 -19.08 -9.08
N LEU B 108 -17.29 -18.79 -7.99
CA LEU B 108 -17.33 -19.81 -6.96
C LEU B 108 -18.42 -20.83 -7.20
N GLY B 109 -19.59 -20.39 -7.65
CA GLY B 109 -20.68 -21.30 -7.88
C GLY B 109 -21.83 -21.00 -6.94
N GLU B 110 -22.77 -21.94 -6.80
CA GLU B 110 -23.97 -21.69 -6.01
C GLU B 110 -23.67 -21.58 -4.52
N HIS B 111 -22.53 -22.10 -4.07
CA HIS B 111 -22.18 -22.10 -2.67
C HIS B 111 -21.65 -20.75 -2.18
N ALA B 112 -21.52 -19.77 -3.07
CA ALA B 112 -21.10 -18.42 -2.74
C ALA B 112 -22.32 -17.58 -2.47
N TYR B 113 -22.38 -16.98 -1.29
CA TYR B 113 -23.56 -16.21 -0.97
C TYR B 113 -23.20 -14.74 -0.86
N PRO B 114 -23.83 -13.85 -1.62
CA PRO B 114 -23.42 -12.44 -1.60
C PRO B 114 -23.79 -11.78 -0.28
N PHE B 115 -23.01 -10.77 0.12
CA PHE B 115 -23.42 -9.90 1.22
C PHE B 115 -23.05 -8.48 0.84
N THR B 116 -23.88 -7.52 1.22
CA THR B 116 -23.67 -6.11 0.90
C THR B 116 -24.03 -5.27 2.12
N PHE B 117 -23.04 -4.54 2.64
CA PHE B 117 -23.23 -3.65 3.77
C PHE B 117 -23.21 -2.19 3.34
N GLU B 118 -24.11 -1.41 3.91
CA GLU B 118 -24.14 0.02 3.69
C GLU B 118 -23.65 0.76 4.94
N ILE B 119 -22.56 1.49 4.80
CA ILE B 119 -22.01 2.30 5.89
C ILE B 119 -22.71 3.66 5.84
N PRO B 120 -23.47 4.03 6.86
CA PRO B 120 -24.14 5.33 6.84
C PRO B 120 -23.14 6.47 6.93
N PRO B 121 -23.47 7.64 6.38
CA PRO B 121 -22.60 8.82 6.48
C PRO B 121 -22.43 9.32 7.92
N ASN B 122 -21.48 10.26 8.04
CA ASN B 122 -21.10 10.95 9.27
C ASN B 122 -20.43 10.03 10.28
N LEU B 123 -19.93 8.96 9.84
CA LEU B 123 -19.12 8.07 10.64
C LEU B 123 -17.63 8.41 10.47
N PRO B 124 -16.81 8.18 11.51
CA PRO B 124 -15.38 8.49 11.43
C PRO B 124 -14.64 7.65 10.40
N CYS B 125 -13.64 8.27 9.78
CA CYS B 125 -12.74 7.59 8.88
C CYS B 125 -11.70 6.80 9.67
N SER B 126 -11.01 5.91 8.96
CA SER B 126 -9.99 5.05 9.56
C SER B 126 -8.79 5.87 9.98
N VAL B 127 -8.55 5.95 11.28
CA VAL B 127 -7.45 6.72 11.86
C VAL B 127 -6.76 5.85 12.90
N THR B 128 -5.44 5.79 12.85
CA THR B 128 -4.67 5.03 13.81
C THR B 128 -3.80 5.97 14.64
N LEU B 129 -3.86 5.83 15.95
CA LEU B 129 -3.03 6.65 16.80
C LEU B 129 -1.66 6.00 16.91
N GLN B 130 -0.61 6.81 16.80
CA GLN B 130 0.76 6.27 16.81
C GLN B 130 1.01 5.65 18.17
N PRO B 131 1.46 4.42 18.21
CA PRO B 131 1.70 3.79 19.51
C PRO B 131 2.92 4.42 20.16
N GLY B 132 3.03 4.19 21.44
CA GLY B 132 4.19 4.63 22.17
C GLY B 132 5.35 3.68 22.04
N PRO B 133 6.49 4.13 22.58
CA PRO B 133 7.73 3.34 22.50
C PRO B 133 7.66 1.95 23.11
N GLU B 134 6.80 1.72 24.09
CA GLU B 134 6.79 0.41 24.74
C GLU B 134 5.54 -0.42 24.45
N ASP B 135 4.76 -0.08 23.44
CA ASP B 135 3.64 -0.93 23.03
C ASP B 135 3.88 -1.50 21.64
N THR B 136 3.76 -2.83 21.53
CA THR B 136 4.02 -3.53 20.27
C THR B 136 2.81 -4.28 19.73
N GLY B 137 1.71 -4.37 20.48
CA GLY B 137 0.53 -5.09 20.04
C GLY B 137 -0.40 -4.41 19.08
N LYS B 138 -1.70 -4.44 19.38
CA LYS B 138 -2.72 -3.78 18.57
C LYS B 138 -2.51 -2.26 18.51
N ALA B 139 -3.12 -1.66 17.50
CA ALA B 139 -3.02 -0.23 17.25
C ALA B 139 -4.29 0.43 17.76
N CYS B 140 -4.16 1.50 18.53
CA CYS B 140 -5.31 2.19 19.09
C CYS B 140 -5.85 3.25 18.14
N GLY B 141 -7.14 3.56 18.33
CA GLY B 141 -7.84 4.50 17.47
C GLY B 141 -9.15 3.98 16.94
N VAL B 142 -9.51 4.38 15.72
CA VAL B 142 -10.76 3.98 15.11
C VAL B 142 -10.43 3.06 13.96
N ASP B 143 -11.02 1.87 13.96
CA ASP B 143 -10.74 0.88 12.94
C ASP B 143 -12.00 0.12 12.59
N TYR B 144 -11.99 -0.47 11.39
CA TYR B 144 -13.09 -1.29 10.95
C TYR B 144 -12.71 -2.76 10.91
N GLU B 145 -13.73 -3.61 11.06
CA GLU B 145 -13.51 -5.05 11.10
C GLU B 145 -14.76 -5.70 10.54
N VAL B 146 -14.56 -6.62 9.60
CA VAL B 146 -15.63 -7.46 9.07
C VAL B 146 -15.50 -8.83 9.72
N LYS B 147 -16.51 -9.27 10.46
CA LYS B 147 -16.45 -10.57 11.11
C LYS B 147 -17.60 -11.44 10.62
N ALA B 148 -17.27 -12.53 9.92
CA ALA B 148 -18.25 -13.50 9.45
C ALA B 148 -18.12 -14.78 10.27
N PHE B 149 -19.24 -15.30 10.78
CA PHE B 149 -19.12 -16.44 11.67
C PHE B 149 -20.31 -17.37 11.51
N CYS B 150 -20.18 -18.56 12.10
CA CYS B 150 -21.18 -19.62 12.07
C CYS B 150 -21.64 -19.88 13.49
N ALA B 151 -22.96 -19.91 13.70
CA ALA B 151 -23.51 -20.11 15.03
C ALA B 151 -24.94 -20.60 14.93
N GLU B 152 -25.47 -20.99 16.09
CA GLU B 152 -26.86 -21.41 16.19
C GLU B 152 -27.78 -20.20 16.22
N ASN B 153 -27.39 -19.16 16.94
CA ASN B 153 -28.18 -17.95 17.00
C ASN B 153 -27.24 -16.78 17.22
N LEU B 154 -27.82 -15.59 17.32
CA LEU B 154 -27.08 -14.36 17.52
C LEU B 154 -26.52 -14.09 18.93
N GLU B 155 -26.94 -14.80 19.98
CA GLU B 155 -26.39 -14.48 21.30
C GLU B 155 -25.02 -15.09 21.64
N GLU B 156 -24.77 -16.32 21.19
CA GLU B 156 -23.56 -17.09 21.53
C GLU B 156 -22.20 -16.43 21.27
N LYS B 157 -21.31 -16.61 22.24
CA LYS B 157 -19.92 -16.16 22.16
C LYS B 157 -19.14 -16.96 21.13
N ILE B 158 -18.68 -16.24 20.11
CA ILE B 158 -18.00 -16.76 18.92
C ILE B 158 -16.61 -17.29 19.26
N HIS B 159 -16.38 -18.57 18.99
CA HIS B 159 -15.04 -19.13 19.06
C HIS B 159 -14.20 -18.69 17.87
N LYS B 160 -13.00 -18.22 18.19
CA LYS B 160 -12.07 -17.61 17.23
C LYS B 160 -11.64 -18.55 16.12
N ARG B 161 -11.60 -19.86 16.35
CA ARG B 161 -11.21 -20.78 15.28
C ARG B 161 -12.31 -20.86 14.23
N ASN B 162 -13.56 -20.69 14.65
CA ASN B 162 -14.74 -20.66 13.82
C ASN B 162 -15.03 -19.27 13.27
N SER B 163 -14.02 -18.43 13.07
CA SER B 163 -14.27 -17.06 12.65
C SER B 163 -13.15 -16.53 11.78
N VAL B 164 -13.39 -15.35 11.21
CA VAL B 164 -12.45 -14.63 10.34
C VAL B 164 -12.77 -13.17 10.47
N ARG B 165 -11.74 -12.37 10.73
CA ARG B 165 -11.90 -10.93 10.85
C ARG B 165 -11.06 -10.30 9.74
N LEU B 166 -11.56 -9.23 9.13
CA LEU B 166 -10.78 -8.58 8.09
C LEU B 166 -10.80 -7.07 8.28
N VAL B 167 -9.63 -6.46 8.46
CA VAL B 167 -9.54 -5.02 8.61
C VAL B 167 -9.76 -4.34 7.27
N ILE B 168 -10.66 -3.35 7.24
CA ILE B 168 -10.85 -2.49 6.08
C ILE B 168 -10.77 -1.02 6.51
N ARG B 169 -10.51 -0.14 5.55
CA ARG B 169 -10.31 1.27 5.83
C ARG B 169 -11.26 2.19 5.09
N LYS B 170 -11.76 3.20 5.80
CA LYS B 170 -12.51 4.29 5.20
C LYS B 170 -11.59 5.51 5.08
N VAL B 171 -11.36 5.95 3.84
CA VAL B 171 -10.41 7.01 3.53
C VAL B 171 -11.13 8.12 2.77
N GLN B 172 -10.48 9.26 2.69
CA GLN B 172 -10.99 10.40 1.94
C GLN B 172 -9.87 10.99 1.10
N TYR B 173 -10.25 11.59 -0.02
CA TYR B 173 -9.28 12.24 -0.90
C TYR B 173 -9.62 13.71 -1.05
N ALA B 174 -8.64 14.46 -1.52
CA ALA B 174 -8.75 15.90 -1.68
C ALA B 174 -9.87 16.28 -2.66
N PRO B 175 -10.63 17.34 -2.35
CA PRO B 175 -11.64 17.83 -3.29
C PRO B 175 -11.00 18.26 -4.60
N GLU B 176 -11.72 18.01 -5.69
CA GLU B 176 -11.22 18.33 -7.03
C GLU B 176 -11.04 19.83 -7.25
N ARG B 177 -11.92 20.66 -6.69
CA ARG B 177 -11.84 22.09 -6.92
C ARG B 177 -11.20 22.75 -5.70
N PRO B 178 -10.08 23.47 -5.87
CA PRO B 178 -9.43 24.09 -4.70
C PRO B 178 -10.26 25.21 -4.08
N GLY B 179 -10.27 25.24 -2.75
CA GLY B 179 -10.94 26.29 -2.05
C GLY B 179 -10.23 27.64 -2.11
N PRO B 180 -10.84 28.65 -1.50
CA PRO B 180 -10.24 29.99 -1.46
C PRO B 180 -8.97 30.00 -0.62
N GLN B 181 -8.05 30.88 -0.98
CA GLN B 181 -6.76 31.00 -0.28
C GLN B 181 -6.87 31.34 1.20
N PRO B 182 -6.37 30.48 2.09
CA PRO B 182 -6.37 30.75 3.54
C PRO B 182 -5.51 31.95 3.86
N THR B 183 -6.12 33.04 4.28
CA THR B 183 -5.37 34.22 4.70
C THR B 183 -5.80 34.62 6.08
N ALA B 184 -4.90 35.30 6.78
CA ALA B 184 -5.22 35.80 8.11
C ALA B 184 -4.28 36.93 8.45
N GLU B 185 -4.83 37.90 9.15
CA GLU B 185 -4.17 39.12 9.56
C GLU B 185 -4.60 39.38 10.98
N THR B 186 -3.84 40.20 11.68
CA THR B 186 -4.25 40.61 13.01
C THR B 186 -3.66 41.97 13.32
N THR B 187 -4.40 42.72 14.11
CA THR B 187 -4.03 44.08 14.44
C THR B 187 -3.97 44.23 15.95
N ARG B 188 -2.78 44.47 16.45
CA ARG B 188 -2.56 44.62 17.88
C ARG B 188 -2.38 46.11 18.08
N GLN B 189 -3.25 46.71 18.86
CA GLN B 189 -3.12 48.11 19.25
C GLN B 189 -2.66 48.14 20.70
N PHE B 190 -1.56 48.82 21.00
CA PHE B 190 -1.20 48.70 22.40
C PHE B 190 -1.81 49.85 23.17
N LEU B 191 -1.94 49.66 24.50
CA LEU B 191 -2.53 50.68 25.37
C LEU B 191 -1.74 51.98 25.31
N MET B 192 -0.47 51.91 25.68
CA MET B 192 0.43 53.06 25.80
C MET B 192 1.04 53.48 24.47
N SER B 193 0.84 52.72 23.40
CA SER B 193 1.40 53.04 22.11
C SER B 193 0.28 53.54 21.23
N ASP B 194 0.63 54.41 20.29
CA ASP B 194 -0.39 54.87 19.36
C ASP B 194 -0.35 54.12 18.05
N LYS B 195 0.83 53.73 17.62
CA LYS B 195 0.78 52.99 16.36
C LYS B 195 0.60 51.51 16.62
N PRO B 196 -0.13 50.81 15.77
CA PRO B 196 -0.46 49.41 16.03
C PRO B 196 0.57 48.50 15.38
N LEU B 197 0.54 47.25 15.78
CA LEU B 197 1.38 46.23 15.16
C LEU B 197 0.54 45.36 14.24
N HIS B 198 0.85 45.42 12.95
CA HIS B 198 0.09 44.74 11.92
C HIS B 198 0.91 43.54 11.45
N LEU B 199 0.32 42.35 11.48
CA LEU B 199 0.95 41.12 11.03
C LEU B 199 0.16 40.51 9.89
N GLU B 200 0.78 40.33 8.73
CA GLU B 200 0.08 39.63 7.67
C GLU B 200 0.82 38.40 7.21
N ALA B 201 0.07 37.31 7.03
CA ALA B 201 0.58 36.04 6.55
C ALA B 201 -0.47 35.41 5.63
N SER B 202 -0.01 34.65 4.65
CA SER B 202 -0.91 33.91 3.77
C SER B 202 -0.21 32.66 3.26
N LEU B 203 -1.00 31.67 2.87
CA LEU B 203 -0.43 30.49 2.24
C LEU B 203 -0.62 30.58 0.75
N ASP B 204 0.23 29.87 0.00
CA ASP B 204 0.13 29.92 -1.45
C ASP B 204 -1.14 29.26 -1.98
N LYS B 205 -1.67 28.26 -1.29
CA LYS B 205 -2.93 27.64 -1.69
C LYS B 205 -3.58 26.98 -0.50
N GLU B 206 -4.77 26.42 -0.74
CA GLU B 206 -5.61 25.83 0.29
C GLU B 206 -5.41 24.33 0.49
N ILE B 207 -5.10 23.57 -0.57
CA ILE B 207 -4.96 22.12 -0.48
C ILE B 207 -3.50 21.75 -0.65
N TYR B 208 -2.96 21.02 0.34
CA TYR B 208 -1.60 20.52 0.30
C TYR B 208 -1.61 19.00 0.36
N TYR B 209 -0.57 18.42 -0.20
CA TYR B 209 -0.44 16.97 -0.14
C TYR B 209 0.54 16.65 0.98
N HIS B 210 0.51 15.40 1.44
CA HIS B 210 1.39 15.01 2.54
C HIS B 210 2.83 15.05 2.08
N GLY B 211 3.67 15.80 2.79
CA GLY B 211 5.07 15.85 2.43
C GLY B 211 5.43 16.95 1.46
N GLU B 212 4.48 17.80 1.10
CA GLU B 212 4.61 18.92 0.16
C GLU B 212 4.99 20.18 0.92
N PRO B 213 5.88 20.99 0.34
CA PRO B 213 6.26 22.25 0.95
C PRO B 213 5.12 23.25 0.99
N ILE B 214 5.12 24.03 2.06
CA ILE B 214 4.14 25.09 2.29
C ILE B 214 4.90 26.41 2.20
N SER B 215 4.43 27.30 1.33
CA SER B 215 5.08 28.58 1.14
C SER B 215 4.27 29.60 1.89
N VAL B 216 4.93 30.25 2.85
CA VAL B 216 4.30 31.24 3.71
C VAL B 216 4.77 32.63 3.26
N ASN B 217 3.88 33.33 2.61
CA ASN B 217 4.10 34.72 2.25
C ASN B 217 3.90 35.52 3.52
N VAL B 218 4.94 36.25 3.93
CA VAL B 218 4.92 37.02 5.16
C VAL B 218 5.14 38.48 4.87
N HIS B 219 4.23 39.30 5.36
CA HIS B 219 4.31 40.75 5.22
C HIS B 219 4.18 41.33 6.61
N VAL B 220 5.22 42.03 7.04
CA VAL B 220 5.21 42.66 8.35
C VAL B 220 5.25 44.14 8.14
N THR B 221 4.28 44.83 8.68
CA THR B 221 4.28 46.28 8.68
C THR B 221 4.52 46.78 10.10
N ASN B 222 5.74 47.23 10.36
CA ASN B 222 6.10 47.66 11.70
C ASN B 222 6.04 49.18 11.72
N ASN B 223 4.89 49.72 12.11
CA ASN B 223 4.73 51.16 12.21
C ASN B 223 5.01 51.62 13.63
N THR B 224 5.48 50.70 14.46
CA THR B 224 5.72 51.00 15.83
C THR B 224 7.16 51.44 16.02
N ASN B 225 7.48 51.71 17.27
CA ASN B 225 8.80 52.09 17.68
C ASN B 225 9.61 50.85 18.03
N LYS B 226 8.91 49.74 18.26
CA LYS B 226 9.49 48.48 18.67
C LYS B 226 10.13 47.74 17.52
N THR B 227 10.77 46.62 17.87
CA THR B 227 11.54 45.77 16.96
C THR B 227 11.05 44.35 17.14
N VAL B 228 10.79 43.67 16.02
CA VAL B 228 10.45 42.25 16.02
C VAL B 228 11.71 41.42 16.22
N LYS B 229 11.77 40.69 17.34
CA LYS B 229 12.99 39.98 17.70
C LYS B 229 13.07 38.55 17.17
N LYS B 230 11.95 37.87 16.99
CA LYS B 230 12.00 36.47 16.61
C LYS B 230 10.67 36.12 15.96
N ILE B 231 10.72 35.22 14.98
CA ILE B 231 9.55 34.73 14.26
C ILE B 231 9.42 33.22 14.46
N LYS B 232 8.33 32.79 15.09
CA LYS B 232 8.10 31.37 15.34
C LYS B 232 7.01 30.86 14.41
N ILE B 233 7.37 29.91 13.55
CA ILE B 233 6.41 29.26 12.66
C ILE B 233 6.19 27.84 13.18
N SER B 234 4.95 27.37 13.15
CA SER B 234 4.66 26.02 13.61
C SER B 234 3.43 25.49 12.88
N VAL B 235 3.52 24.24 12.44
CA VAL B 235 2.36 23.50 11.95
C VAL B 235 1.80 22.66 13.10
N ARG B 236 0.57 22.92 13.51
CA ARG B 236 0.02 22.18 14.64
C ARG B 236 -1.15 21.36 14.12
N GLN B 237 -1.21 20.08 14.47
CA GLN B 237 -2.34 19.23 14.14
C GLN B 237 -3.33 19.24 15.29
N TYR B 238 -4.55 19.70 15.02
CA TYR B 238 -5.62 19.69 16.00
C TYR B 238 -6.49 18.45 15.85
N ALA B 239 -6.68 17.73 16.94
CA ALA B 239 -7.52 16.54 16.95
C ALA B 239 -8.57 16.70 18.04
N ASP B 240 -9.84 16.64 17.62
CA ASP B 240 -11.01 16.68 18.50
C ASP B 240 -11.63 15.29 18.56
N ILE B 241 -11.67 14.72 19.76
CA ILE B 241 -12.14 13.36 19.99
C ILE B 241 -13.39 13.42 20.85
N CYS B 242 -14.55 13.27 20.22
CA CYS B 242 -15.85 13.36 20.89
C CYS B 242 -16.47 11.96 21.03
N LEU B 243 -16.31 11.36 22.21
CA LEU B 243 -16.77 10.01 22.50
C LEU B 243 -17.56 10.04 23.80
N PHE B 244 -16.85 10.12 24.92
CA PHE B 244 -17.51 10.28 26.21
C PHE B 244 -17.58 11.75 26.55
N ASN B 245 -16.43 12.39 26.73
CA ASN B 245 -16.36 13.83 26.74
C ASN B 245 -15.63 14.27 25.47
N THR B 246 -15.35 15.57 25.36
CA THR B 246 -14.63 16.11 24.23
C THR B 246 -13.30 16.60 24.76
N ALA B 247 -12.23 16.25 24.05
CA ALA B 247 -10.89 16.71 24.41
C ALA B 247 -10.23 17.35 23.22
N GLN B 248 -9.22 18.15 23.52
CA GLN B 248 -8.46 18.83 22.50
C GLN B 248 -7.04 19.00 23.01
N TYR B 249 -6.10 19.00 22.07
CA TYR B 249 -4.72 19.29 22.38
C TYR B 249 -4.13 19.95 21.16
N LYS B 250 -3.06 20.70 21.36
CA LYS B 250 -2.32 21.32 20.29
C LYS B 250 -0.91 20.77 20.29
N CYS B 251 -0.55 19.98 19.28
CA CYS B 251 0.77 19.40 19.24
C CYS B 251 1.55 19.88 18.01
N PRO B 252 2.68 20.57 18.21
CA PRO B 252 3.53 21.00 17.09
C PRO B 252 4.18 19.80 16.39
N VAL B 253 3.91 19.62 15.11
CA VAL B 253 4.54 18.50 14.45
C VAL B 253 5.73 18.86 13.56
N ALA B 254 5.89 20.13 13.19
CA ALA B 254 7.11 20.63 12.55
C ALA B 254 7.26 22.09 12.94
N MET B 255 8.48 22.61 12.90
CA MET B 255 8.68 24.03 13.20
C MET B 255 10.06 24.50 12.78
N GLU B 256 10.15 25.81 12.52
CA GLU B 256 11.40 26.52 12.26
C GLU B 256 11.26 27.89 12.90
N GLU B 257 12.23 28.27 13.71
CA GLU B 257 12.29 29.58 14.34
C GLU B 257 13.42 30.42 13.74
N ALA B 258 13.10 31.23 12.74
CA ALA B 258 14.10 32.10 12.14
C ALA B 258 14.32 33.30 13.06
N ASP B 259 15.59 33.61 13.30
CA ASP B 259 15.96 34.79 14.07
C ASP B 259 15.98 36.07 13.25
N ASP B 260 15.17 36.13 12.20
CA ASP B 260 15.07 37.31 11.37
C ASP B 260 14.41 38.44 12.16
N THR B 261 15.08 39.57 12.19
CA THR B 261 14.70 40.74 12.97
C THR B 261 14.20 41.81 12.00
N VAL B 262 13.12 42.49 12.38
CA VAL B 262 12.54 43.60 11.62
C VAL B 262 12.72 44.91 12.38
N ALA B 263 13.62 45.77 11.86
CA ALA B 263 13.93 47.06 12.46
C ALA B 263 12.71 48.00 12.41
N PRO B 264 12.67 49.04 13.26
CA PRO B 264 11.56 50.01 13.19
C PRO B 264 11.51 50.83 11.90
N SER B 265 10.26 51.12 11.48
CA SER B 265 9.95 51.92 10.28
C SER B 265 10.55 51.39 8.98
N SER B 266 10.40 50.08 8.77
CA SER B 266 10.87 49.40 7.58
C SER B 266 9.94 48.22 7.34
N THR B 267 10.01 47.67 6.15
CA THR B 267 9.20 46.53 5.76
C THR B 267 10.04 45.28 5.58
N PHE B 268 9.33 44.15 5.54
CA PHE B 268 9.95 42.84 5.41
C PHE B 268 9.14 41.88 4.55
N CYS B 269 9.86 41.11 3.72
CA CYS B 269 9.26 40.13 2.82
C CYS B 269 10.24 38.98 2.65
N LYS B 270 9.79 37.76 2.98
CA LYS B 270 10.61 36.58 2.89
C LYS B 270 9.70 35.37 2.71
N VAL B 271 10.19 34.35 2.02
CA VAL B 271 9.46 33.11 1.84
C VAL B 271 10.03 32.04 2.77
N TYR B 272 9.19 31.48 3.65
CA TYR B 272 9.60 30.40 4.54
C TYR B 272 9.02 29.09 4.05
N THR B 273 9.79 28.02 4.15
CA THR B 273 9.36 26.72 3.64
C THR B 273 9.40 25.65 4.73
N LEU B 274 8.25 25.07 5.07
CA LEU B 274 8.15 24.07 6.11
C LEU B 274 7.54 22.80 5.55
N THR B 275 8.06 21.65 5.96
CA THR B 275 7.50 20.37 5.56
C THR B 275 7.22 19.50 6.78
N PRO B 276 5.97 19.17 7.07
CA PRO B 276 5.68 18.27 8.20
C PRO B 276 6.06 16.86 7.80
N PHE B 277 6.89 16.20 8.60
CA PHE B 277 7.19 14.81 8.29
C PHE B 277 7.35 13.98 9.54
N LEU B 278 7.38 12.65 9.30
CA LEU B 278 7.33 11.64 10.34
C LEU B 278 8.67 11.27 10.95
N ALA B 279 9.75 11.37 10.17
CA ALA B 279 11.08 10.89 10.55
C ALA B 279 11.58 11.45 11.87
N ASN B 280 11.24 12.69 12.17
CA ASN B 280 11.63 13.35 13.40
C ASN B 280 10.48 13.38 14.39
N ASN B 281 9.55 12.42 14.29
CA ASN B 281 8.43 12.43 15.22
C ASN B 281 8.09 11.06 15.78
N ARG B 282 9.02 10.09 15.70
CA ARG B 282 8.69 8.74 16.15
C ARG B 282 8.64 8.65 17.65
N GLU B 283 9.27 9.59 18.33
CA GLU B 283 9.35 9.64 19.79
C GLU B 283 8.11 10.25 20.44
N LYS B 284 7.20 10.83 19.68
CA LYS B 284 6.07 11.50 20.29
C LYS B 284 4.92 10.52 20.51
N ARG B 285 4.00 10.93 21.37
CA ARG B 285 2.83 10.12 21.71
C ARG B 285 1.55 10.87 21.35
N GLY B 286 0.59 10.17 20.79
CA GLY B 286 -0.67 10.78 20.45
C GLY B 286 -0.82 11.27 19.02
N LEU B 287 0.25 11.31 18.24
CA LEU B 287 0.14 11.76 16.86
C LEU B 287 -0.80 10.90 16.02
N ALA B 288 -1.63 11.57 15.23
CA ALA B 288 -2.63 10.93 14.42
C ALA B 288 -2.06 10.37 13.13
N LEU B 289 -2.28 9.10 12.85
CA LEU B 289 -1.80 8.55 11.61
C LEU B 289 -2.92 7.87 10.86
N ASP B 290 -2.74 7.76 9.54
CA ASP B 290 -3.67 7.04 8.70
C ASP B 290 -3.68 5.57 9.09
N GLY B 291 -4.85 4.96 8.94
CA GLY B 291 -5.13 3.61 9.41
C GLY B 291 -4.13 2.57 8.94
N LYS B 292 -3.76 1.66 9.84
CA LYS B 292 -2.80 0.63 9.50
C LYS B 292 -3.53 -0.65 9.20
N LEU B 293 -3.00 -1.40 8.23
CA LEU B 293 -3.52 -2.73 7.97
C LEU B 293 -3.07 -3.73 9.03
N LYS B 294 -1.78 -3.78 9.32
CA LYS B 294 -1.32 -4.66 10.40
C LYS B 294 -0.53 -3.86 11.44
N HIS B 295 0.72 -3.56 11.12
CA HIS B 295 1.55 -2.73 11.98
C HIS B 295 2.53 -1.91 11.17
N GLU B 296 2.38 -1.86 9.85
CA GLU B 296 3.28 -1.07 9.04
C GLU B 296 3.11 0.42 9.30
N ASP B 297 4.19 1.15 9.09
CA ASP B 297 4.21 2.59 9.28
C ASP B 297 3.26 3.27 8.31
N THR B 298 2.55 4.28 8.78
CA THR B 298 1.70 5.09 7.91
C THR B 298 1.90 6.56 8.22
N ASN B 299 1.65 7.37 7.21
CA ASN B 299 1.86 8.81 7.23
C ASN B 299 0.90 9.53 8.17
N LEU B 300 1.17 10.83 8.31
CA LEU B 300 0.32 11.76 9.02
C LEU B 300 -1.10 11.80 8.49
N ALA B 301 -2.06 11.77 9.43
CA ALA B 301 -3.48 11.70 9.17
C ALA B 301 -3.97 12.79 8.21
N SER B 302 -4.79 12.39 7.26
CA SER B 302 -5.38 13.36 6.33
C SER B 302 -6.39 14.23 7.06
N SER B 303 -6.57 15.44 6.55
CA SER B 303 -7.58 16.35 7.08
C SER B 303 -8.97 15.73 7.04
N THR B 304 -9.76 15.98 8.08
CA THR B 304 -11.14 15.52 8.15
C THR B 304 -12.10 16.47 7.44
N LEU B 305 -12.92 15.93 6.54
CA LEU B 305 -13.95 16.70 5.84
C LEU B 305 -15.27 16.52 6.58
N LEU B 306 -15.82 17.61 7.10
CA LEU B 306 -17.08 17.52 7.81
C LEU B 306 -18.26 17.97 6.95
N ARG B 307 -19.45 17.76 7.49
CA ARG B 307 -20.72 18.10 6.86
C ARG B 307 -21.33 19.22 7.68
N GLU B 308 -20.94 20.46 7.37
CA GLU B 308 -21.48 21.70 7.97
C GLU B 308 -21.43 21.73 9.50
N ARG B 312 -23.56 17.62 10.79
CA ARG B 312 -23.56 18.19 12.13
C ARG B 312 -22.37 17.67 12.94
N GLU B 313 -22.57 17.49 14.24
CA GLU B 313 -21.51 16.96 15.09
C GLU B 313 -21.26 15.51 14.72
N ILE B 314 -19.99 15.15 14.58
CA ILE B 314 -19.60 13.79 14.24
C ILE B 314 -18.84 13.13 15.39
N LEU B 315 -19.20 11.89 15.68
CA LEU B 315 -18.55 11.00 16.63
C LEU B 315 -17.07 10.79 16.27
N GLY B 316 -16.31 10.20 17.18
CA GLY B 316 -14.95 9.90 16.79
C GLY B 316 -13.96 11.06 16.79
N ILE B 317 -12.91 10.89 15.99
CA ILE B 317 -11.77 11.78 15.97
C ILE B 317 -11.76 12.61 14.69
N ILE B 318 -11.80 13.92 14.87
CA ILE B 318 -11.80 14.90 13.79
C ILE B 318 -10.46 15.61 13.77
N VAL B 319 -9.75 15.54 12.65
CA VAL B 319 -8.39 16.05 12.54
C VAL B 319 -8.43 17.35 11.75
N SER B 320 -7.60 18.32 12.16
CA SER B 320 -7.41 19.56 11.40
C SER B 320 -6.01 20.11 11.63
N TYR B 321 -5.64 21.08 10.79
CA TYR B 321 -4.31 21.68 10.86
C TYR B 321 -4.42 23.19 10.78
N LYS B 322 -3.58 23.88 11.55
CA LYS B 322 -3.46 25.33 11.49
C LYS B 322 -1.98 25.69 11.56
N VAL B 323 -1.60 26.75 10.85
CA VAL B 323 -0.25 27.31 10.95
C VAL B 323 -0.27 28.48 11.92
N LYS B 324 0.59 28.44 12.92
CA LYS B 324 0.75 29.51 13.89
C LYS B 324 2.02 30.31 13.60
N VAL B 325 1.89 31.63 13.54
CA VAL B 325 3.03 32.54 13.41
C VAL B 325 3.15 33.36 14.68
N LYS B 326 4.26 33.19 15.41
CA LYS B 326 4.43 33.87 16.69
C LYS B 326 5.66 34.76 16.73
N LEU B 327 5.45 36.05 17.02
CA LEU B 327 6.49 37.04 17.26
C LEU B 327 6.83 37.18 18.75
N VAL B 328 8.07 36.91 19.14
CA VAL B 328 8.49 37.18 20.52
C VAL B 328 8.98 38.61 20.63
N VAL B 329 8.27 39.43 21.41
CA VAL B 329 8.52 40.86 21.50
C VAL B 329 9.15 41.21 22.85
N SER B 330 10.13 42.11 22.82
CA SER B 330 10.81 42.60 23.99
C SER B 330 9.86 43.27 24.96
N ARG B 331 10.28 43.28 26.21
CA ARG B 331 9.57 43.88 27.32
C ARG B 331 10.36 45.06 27.87
N GLY B 332 9.92 45.50 29.04
CA GLY B 332 10.46 46.62 29.76
C GLY B 332 9.55 47.82 29.71
N GLY B 333 10.11 48.97 30.06
CA GLY B 333 9.32 50.19 30.08
C GLY B 333 8.43 50.29 31.31
N LEU B 334 7.28 50.95 31.10
CA LEU B 334 6.34 51.27 32.17
C LEU B 334 5.80 50.05 32.91
N LEU B 335 5.30 49.04 32.18
CA LEU B 335 4.65 47.90 32.83
C LEU B 335 5.55 46.70 33.08
N GLY B 336 6.87 46.82 32.90
CA GLY B 336 7.78 45.70 33.13
C GLY B 336 7.48 44.41 32.37
N ASP B 337 7.37 43.33 33.14
CA ASP B 337 7.11 41.97 32.65
C ASP B 337 5.71 41.50 32.97
N LEU B 338 4.81 42.42 33.35
CA LEU B 338 3.45 42.06 33.74
C LEU B 338 2.59 41.69 32.53
N ALA B 339 2.74 42.42 31.43
CA ALA B 339 1.95 42.23 30.23
C ALA B 339 2.74 41.40 29.22
N SER B 340 2.09 40.35 28.71
CA SER B 340 2.70 39.48 27.71
C SER B 340 2.85 40.21 26.37
N SER B 341 3.88 39.84 25.62
CA SER B 341 4.18 40.48 24.34
C SER B 341 4.27 39.49 23.20
N ASP B 342 3.25 38.67 23.00
CA ASP B 342 3.30 37.70 21.93
C ASP B 342 2.15 38.00 20.98
N VAL B 343 2.33 37.65 19.71
CA VAL B 343 1.36 37.93 18.65
C VAL B 343 1.22 36.69 17.79
N ALA B 344 0.02 36.14 17.74
CA ALA B 344 -0.19 34.91 17.01
C ALA B 344 -1.26 35.10 15.94
N VAL B 345 -1.28 34.16 15.02
CA VAL B 345 -2.26 34.13 13.95
C VAL B 345 -2.43 32.65 13.60
N GLU B 346 -3.60 32.28 13.11
CA GLU B 346 -3.84 30.89 12.80
C GLU B 346 -4.38 30.73 11.38
N LEU B 347 -3.90 29.71 10.68
CA LEU B 347 -4.22 29.54 9.27
C LEU B 347 -4.65 28.12 8.95
N PRO B 348 -5.95 27.84 8.89
CA PRO B 348 -6.41 26.49 8.57
C PRO B 348 -6.11 26.16 7.12
N PHE B 349 -5.77 24.91 6.86
CA PHE B 349 -5.57 24.46 5.50
C PHE B 349 -5.94 22.99 5.37
N THR B 350 -5.95 22.52 4.14
CA THR B 350 -6.34 21.15 3.86
C THR B 350 -5.15 20.31 3.47
N LEU B 351 -4.96 19.19 4.16
CA LEU B 351 -3.87 18.25 3.93
C LEU B 351 -4.45 16.88 3.58
N MET B 352 -4.46 16.50 2.31
CA MET B 352 -5.10 15.25 1.91
C MET B 352 -4.26 14.63 0.79
N HIS B 353 -4.56 13.41 0.48
CA HIS B 353 -3.96 12.73 -0.66
C HIS B 353 -4.66 13.06 -1.97
N PRO B 354 -3.90 13.19 -3.05
CA PRO B 354 -4.50 13.33 -4.39
C PRO B 354 -5.31 12.11 -4.78
N LYS B 355 -6.37 12.33 -5.56
CA LYS B 355 -7.16 11.24 -6.11
C LYS B 355 -6.34 10.30 -7.00
N PRO B 356 -6.31 9.00 -6.70
CA PRO B 356 -5.57 8.04 -7.53
C PRO B 356 -6.05 8.01 -8.97
N LYS B 357 -5.15 8.38 -9.87
CA LYS B 357 -5.48 8.36 -11.30
C LYS B 357 -5.49 6.96 -11.87
N GLU B 358 -4.89 5.99 -11.20
CA GLU B 358 -4.81 4.64 -11.73
C GLU B 358 -5.37 3.57 -10.81
N GLU B 359 -4.61 3.20 -9.78
CA GLU B 359 -4.94 2.06 -8.95
C GLU B 359 -4.91 2.44 -7.48
N PRO B 360 -5.69 1.75 -6.65
CA PRO B 360 -5.64 1.96 -5.20
C PRO B 360 -4.32 1.47 -4.62
N PRO B 361 -3.92 1.94 -3.41
CA PRO B 361 -2.65 1.54 -2.76
C PRO B 361 -2.43 0.05 -2.55
N VAL C 5 12.36 20.13 -13.53
CA VAL C 5 12.54 18.79 -12.99
C VAL C 5 13.79 18.16 -13.58
N GLN C 6 14.77 17.87 -12.71
CA GLN C 6 16.04 17.36 -13.19
C GLN C 6 16.81 16.73 -12.05
N LEU C 7 17.36 15.53 -12.31
CA LEU C 7 18.30 14.86 -11.43
C LEU C 7 19.69 14.89 -12.03
N VAL C 8 20.68 15.39 -11.28
CA VAL C 8 22.05 15.46 -11.78
C VAL C 8 23.03 14.82 -10.80
N GLU C 9 23.77 13.82 -11.28
CA GLU C 9 24.80 13.10 -10.54
C GLU C 9 26.13 13.84 -10.67
N SER C 10 27.07 13.51 -9.80
CA SER C 10 28.41 14.12 -9.86
C SER C 10 29.39 13.35 -8.98
N GLY C 11 30.68 13.65 -9.21
CA GLY C 11 31.77 13.10 -8.43
C GLY C 11 32.35 11.80 -8.91
N GLY C 12 32.26 11.51 -10.20
CA GLY C 12 32.84 10.32 -10.78
C GLY C 12 34.19 10.51 -11.44
N GLY C 13 34.80 9.38 -11.80
CA GLY C 13 36.09 9.37 -12.49
C GLY C 13 36.85 8.09 -12.18
N LEU C 14 38.16 8.14 -12.43
CA LEU C 14 39.02 6.99 -12.22
C LEU C 14 39.61 7.10 -10.83
N VAL C 15 39.79 5.95 -10.17
CA VAL C 15 40.36 5.90 -8.82
C VAL C 15 41.03 4.55 -8.61
N GLN C 16 42.15 4.54 -7.89
CA GLN C 16 42.84 3.31 -7.62
C GLN C 16 42.04 2.50 -6.59
N PRO C 17 42.14 1.17 -6.62
CA PRO C 17 41.40 0.33 -5.67
C PRO C 17 41.71 0.68 -4.23
N GLY C 18 40.67 0.71 -3.41
CA GLY C 18 40.81 1.14 -2.04
C GLY C 18 40.59 2.62 -1.83
N GLY C 19 40.25 3.37 -2.88
CA GLY C 19 40.02 4.79 -2.76
C GLY C 19 38.56 5.10 -2.47
N SER C 20 38.23 6.38 -2.51
CA SER C 20 36.90 6.83 -2.15
C SER C 20 36.34 7.88 -3.11
N LEU C 21 35.00 7.90 -3.20
CA LEU C 21 34.28 8.93 -3.92
C LEU C 21 33.04 9.30 -3.11
N ARG C 22 32.55 10.51 -3.35
CA ARG C 22 31.35 11.06 -2.74
C ARG C 22 30.40 11.49 -3.83
N LEU C 23 29.24 10.86 -3.93
CA LEU C 23 28.29 11.21 -4.96
C LEU C 23 27.29 12.24 -4.45
N SER C 24 26.98 13.20 -5.30
CA SER C 24 25.99 14.21 -4.98
C SER C 24 24.86 14.06 -5.98
N CYS C 25 23.63 14.25 -5.53
CA CYS C 25 22.48 14.18 -6.43
C CYS C 25 21.62 15.41 -6.14
N ALA C 26 21.82 16.47 -6.92
CA ALA C 26 21.02 17.67 -6.77
C ALA C 26 19.67 17.51 -7.44
N ALA C 27 18.61 17.60 -6.65
CA ALA C 27 17.26 17.52 -7.18
C ALA C 27 16.70 18.93 -7.30
N SER C 28 15.79 19.10 -8.24
CA SER C 28 15.16 20.40 -8.42
C SER C 28 13.80 20.20 -9.06
N GLY C 29 12.86 21.03 -8.64
CA GLY C 29 11.53 21.05 -9.17
C GLY C 29 10.57 20.25 -8.35
N PHE C 30 11.10 19.31 -7.56
CA PHE C 30 10.33 18.47 -6.67
C PHE C 30 11.04 18.48 -5.34
N ASN C 31 10.50 17.73 -4.41
CA ASN C 31 11.00 17.80 -3.05
C ASN C 31 11.71 16.53 -2.62
N VAL C 32 12.02 16.48 -1.33
CA VAL C 32 12.78 15.40 -0.72
C VAL C 32 11.93 14.72 0.33
N TYR C 33 10.98 15.44 0.90
CA TYR C 33 10.20 14.76 1.93
C TYR C 33 8.98 14.07 1.35
N SER C 34 8.70 14.25 0.07
CA SER C 34 7.62 13.54 -0.58
C SER C 34 8.13 12.59 -1.64
N SER C 35 9.44 12.46 -1.78
CA SER C 35 10.03 11.55 -2.74
C SER C 35 11.10 10.72 -2.05
N SER C 36 11.22 9.46 -2.43
CA SER C 36 12.32 8.62 -2.00
C SER C 36 13.34 8.52 -3.12
N ILE C 37 14.62 8.57 -2.75
CA ILE C 37 15.72 8.60 -3.71
C ILE C 37 16.51 7.31 -3.63
N HIS C 38 16.90 6.79 -4.80
CA HIS C 38 17.52 5.48 -4.90
C HIS C 38 18.77 5.59 -5.76
N TRP C 39 19.71 4.68 -5.52
CA TRP C 39 20.91 4.52 -6.35
C TRP C 39 20.91 3.14 -6.98
N VAL C 40 21.02 3.08 -8.30
CA VAL C 40 21.01 1.82 -9.02
C VAL C 40 22.21 1.79 -9.93
N ARG C 41 23.03 0.77 -9.79
CA ARG C 41 24.26 0.67 -10.55
C ARG C 41 24.15 -0.37 -11.64
N GLN C 42 24.98 -0.19 -12.65
CA GLN C 42 25.01 -1.11 -13.78
C GLN C 42 26.44 -1.36 -14.19
N ALA C 43 26.93 -2.57 -13.90
CA ALA C 43 28.28 -2.95 -14.29
C ALA C 43 28.38 -2.98 -15.81
N PRO C 44 29.57 -2.69 -16.39
CA PRO C 44 29.72 -2.74 -17.86
C PRO C 44 29.29 -4.07 -18.47
N GLY C 45 28.22 -4.02 -19.26
CA GLY C 45 27.73 -5.18 -19.97
C GLY C 45 26.88 -6.10 -19.14
N LYS C 46 26.60 -5.74 -17.89
CA LYS C 46 25.82 -6.56 -16.97
C LYS C 46 24.46 -5.91 -16.73
N GLY C 47 23.70 -6.46 -15.78
CA GLY C 47 22.37 -5.96 -15.50
C GLY C 47 22.36 -4.93 -14.40
N LEU C 48 21.15 -4.56 -14.01
CA LEU C 48 20.88 -3.58 -12.99
C LEU C 48 20.86 -4.20 -11.59
N GLU C 49 21.49 -3.52 -10.65
CA GLU C 49 21.56 -3.97 -9.27
C GLU C 49 21.25 -2.80 -8.34
N TRP C 50 20.19 -2.94 -7.55
CA TRP C 50 19.88 -1.91 -6.56
C TRP C 50 20.91 -1.95 -5.45
N VAL C 51 21.36 -0.77 -5.00
CA VAL C 51 22.34 -0.67 -3.92
C VAL C 51 21.85 0.15 -2.73
N ALA C 52 21.08 1.22 -2.93
CA ALA C 52 20.74 2.03 -1.78
C ALA C 52 19.42 2.71 -2.01
N SER C 53 18.76 3.04 -0.91
CA SER C 53 17.51 3.78 -0.94
C SER C 53 17.39 4.57 0.35
N ILE C 54 16.80 5.75 0.24
CA ILE C 54 16.57 6.58 1.41
C ILE C 54 15.17 7.19 1.34
N SER C 55 14.45 7.12 2.45
CA SER C 55 13.17 7.80 2.56
C SER C 55 13.34 8.82 3.68
N SER C 56 13.52 10.07 3.29
CA SER C 56 13.68 11.14 4.26
C SER C 56 12.44 11.34 5.09
N TYR C 57 11.28 11.02 4.53
CA TYR C 57 10.02 11.20 5.25
C TYR C 57 9.97 10.29 6.48
N TYR C 58 10.44 9.05 6.34
CA TYR C 58 10.41 8.11 7.44
C TYR C 58 11.75 7.94 8.13
N GLY C 59 12.81 8.56 7.62
CA GLY C 59 14.12 8.46 8.23
C GLY C 59 14.69 7.06 8.25
N TYR C 60 14.46 6.31 7.19
CA TYR C 60 14.95 4.94 7.12
C TYR C 60 15.86 4.82 5.92
N THR C 61 16.87 3.98 6.05
CA THR C 61 17.81 3.74 4.96
C THR C 61 17.86 2.25 4.66
N TYR C 62 18.03 1.91 3.39
CA TYR C 62 18.05 0.53 2.94
C TYR C 62 19.27 0.34 2.07
N TYR C 63 19.95 -0.80 2.22
CA TYR C 63 21.18 -1.09 1.51
C TYR C 63 21.16 -2.50 0.95
N ALA C 64 21.88 -2.69 -0.14
CA ALA C 64 22.12 -4.02 -0.64
C ALA C 64 23.14 -4.71 0.25
N ASP C 65 23.09 -6.04 0.28
CA ASP C 65 23.98 -6.82 1.15
C ASP C 65 25.45 -6.62 0.81
N SER C 66 25.76 -6.31 -0.45
CA SER C 66 27.15 -6.16 -0.84
C SER C 66 27.77 -4.88 -0.32
N VAL C 67 26.98 -3.90 0.08
CA VAL C 67 27.49 -2.61 0.48
C VAL C 67 27.25 -2.30 1.94
N LYS C 68 26.63 -3.20 2.69
CA LYS C 68 26.41 -2.99 4.12
C LYS C 68 27.74 -2.84 4.84
N GLY C 69 27.88 -1.75 5.59
CA GLY C 69 29.06 -1.47 6.35
C GLY C 69 30.07 -0.60 5.65
N ARG C 70 29.94 -0.44 4.34
CA ARG C 70 30.88 0.33 3.54
C ARG C 70 30.27 1.57 2.91
N PHE C 71 29.00 1.52 2.52
CA PHE C 71 28.36 2.66 1.90
C PHE C 71 27.42 3.29 2.92
N THR C 72 27.36 4.62 2.90
CA THR C 72 26.44 5.34 3.78
C THR C 72 25.77 6.44 2.99
N ILE C 73 24.46 6.33 2.84
CA ILE C 73 23.64 7.30 2.13
C ILE C 73 23.07 8.32 3.10
N SER C 74 23.08 9.59 2.69
CA SER C 74 22.57 10.69 3.49
C SER C 74 21.91 11.68 2.55
N ALA C 75 21.40 12.77 3.13
CA ALA C 75 20.70 13.76 2.32
C ALA C 75 20.75 15.09 3.05
N ASP C 76 21.01 16.15 2.28
CA ASP C 76 20.85 17.52 2.77
C ASP C 76 19.54 18.03 2.17
N THR C 77 18.49 18.05 3.01
CA THR C 77 17.17 18.45 2.54
C THR C 77 17.11 19.94 2.27
N SER C 78 17.94 20.72 2.97
CA SER C 78 17.96 22.16 2.76
C SER C 78 18.54 22.52 1.39
N LYS C 79 19.50 21.74 0.91
CA LYS C 79 20.11 21.93 -0.39
C LYS C 79 19.50 21.08 -1.50
N ASN C 80 18.47 20.28 -1.18
CA ASN C 80 17.77 19.38 -2.11
C ASN C 80 18.76 18.46 -2.81
N THR C 81 19.63 17.86 -2.00
CA THR C 81 20.73 17.09 -2.53
C THR C 81 20.95 15.85 -1.66
N ALA C 82 21.15 14.71 -2.29
CA ALA C 82 21.47 13.48 -1.59
C ALA C 82 22.96 13.17 -1.69
N TYR C 83 23.43 12.33 -0.77
CA TYR C 83 24.84 11.98 -0.77
C TYR C 83 25.00 10.49 -0.50
N LEU C 84 26.05 9.91 -1.06
CA LEU C 84 26.42 8.52 -0.86
C LEU C 84 27.91 8.43 -0.54
N GLN C 85 28.24 8.22 0.73
CA GLN C 85 29.65 8.03 1.08
C GLN C 85 30.07 6.60 0.81
N MET C 86 31.13 6.43 0.02
CA MET C 86 31.60 5.11 -0.40
C MET C 86 33.03 4.81 0.00
N ASN C 87 33.22 3.99 1.03
CA ASN C 87 34.55 3.62 1.47
C ASN C 87 34.85 2.19 1.01
N SER C 88 36.15 1.85 1.10
CA SER C 88 36.69 0.52 0.79
C SER C 88 36.29 -0.03 -0.59
N LEU C 89 36.35 0.84 -1.60
CA LEU C 89 35.90 0.48 -2.94
C LEU C 89 36.79 -0.59 -3.56
N ARG C 90 36.16 -1.57 -4.21
CA ARG C 90 36.91 -2.61 -4.90
C ARG C 90 36.63 -2.54 -6.40
N ALA C 91 37.43 -3.29 -7.17
CA ALA C 91 37.33 -3.30 -8.64
C ALA C 91 35.99 -3.80 -9.16
N GLU C 92 35.32 -4.70 -8.44
CA GLU C 92 34.04 -5.22 -8.89
C GLU C 92 32.92 -4.19 -8.77
N ASP C 93 33.14 -3.12 -8.02
CA ASP C 93 32.21 -2.02 -7.80
C ASP C 93 32.21 -1.01 -8.94
N THR C 94 33.06 -1.21 -9.94
CA THR C 94 33.14 -0.32 -11.09
C THR C 94 31.85 -0.42 -11.89
N ALA C 95 31.16 0.71 -12.01
CA ALA C 95 29.87 0.78 -12.68
C ALA C 95 29.50 2.24 -12.88
N VAL C 96 28.41 2.44 -13.61
CA VAL C 96 27.76 3.74 -13.73
C VAL C 96 26.71 3.87 -12.64
N TYR C 97 26.86 4.87 -11.78
CA TYR C 97 25.96 5.06 -10.67
C TYR C 97 24.85 6.06 -11.02
N TYR C 98 23.61 5.58 -11.07
CA TYR C 98 22.43 6.40 -11.35
C TYR C 98 21.74 6.86 -10.09
N CYS C 99 21.28 8.11 -10.10
CA CYS C 99 20.39 8.62 -9.08
C CYS C 99 18.97 8.54 -9.62
N ALA C 100 18.06 7.95 -8.84
CA ALA C 100 16.67 7.82 -9.26
C ALA C 100 15.75 8.29 -8.15
N ARG C 101 14.51 8.61 -8.53
CA ARG C 101 13.51 9.12 -7.61
C ARG C 101 12.25 8.27 -7.68
N SER C 102 11.59 8.11 -6.55
CA SER C 102 10.29 7.48 -6.55
C SER C 102 9.31 8.29 -5.72
N ARG C 103 8.03 8.14 -6.06
CA ARG C 103 6.97 8.77 -5.31
C ARG C 103 6.79 8.12 -3.94
N GLN C 104 6.84 8.91 -2.88
CA GLN C 104 6.70 8.37 -1.54
C GLN C 104 5.29 7.85 -1.26
N PHE C 105 4.27 8.57 -1.69
CA PHE C 105 2.89 8.16 -1.49
C PHE C 105 2.16 8.06 -2.82
N TRP C 106 2.26 6.92 -3.50
CA TRP C 106 3.02 5.75 -3.10
C TRP C 106 3.84 5.28 -4.26
N TYR C 107 4.74 4.33 -3.97
CA TYR C 107 5.70 3.80 -4.92
C TYR C 107 5.05 3.36 -6.21
N SER C 108 5.42 4.02 -7.30
CA SER C 108 4.86 3.71 -8.59
C SER C 108 5.96 3.60 -9.63
N GLY C 109 7.06 2.98 -9.27
CA GLY C 109 8.20 2.87 -10.16
C GLY C 109 9.13 4.07 -10.07
N LEU C 110 10.34 3.90 -10.58
CA LEU C 110 11.30 4.98 -10.67
C LEU C 110 11.01 5.78 -11.93
N ASP C 111 10.37 6.92 -11.78
CA ASP C 111 9.86 7.69 -12.91
C ASP C 111 10.80 8.76 -13.45
N TYR C 112 11.88 9.09 -12.76
CA TYR C 112 12.85 10.05 -13.27
C TYR C 112 14.25 9.55 -12.96
N TRP C 113 15.12 9.63 -13.95
CA TRP C 113 16.48 9.16 -13.78
C TRP C 113 17.43 10.26 -14.22
N GLY C 114 18.57 10.33 -13.57
CA GLY C 114 19.66 11.18 -14.01
C GLY C 114 20.54 10.51 -15.03
N GLN C 115 21.37 11.31 -15.69
CA GLN C 115 22.24 10.76 -16.72
C GLN C 115 23.36 9.89 -16.17
N GLY C 116 23.62 9.92 -14.88
CA GLY C 116 24.58 9.00 -14.34
C GLY C 116 26.01 9.51 -14.41
N THR C 117 26.83 9.01 -13.49
CA THR C 117 28.24 9.35 -13.47
C THR C 117 29.10 8.10 -13.54
N LEU C 118 30.20 8.18 -14.26
CA LEU C 118 31.07 7.03 -14.47
C LEU C 118 32.03 6.92 -13.30
N VAL C 119 32.16 5.72 -12.74
CA VAL C 119 33.10 5.49 -11.65
C VAL C 119 33.96 4.30 -12.04
N THR C 120 35.26 4.51 -12.19
CA THR C 120 36.16 3.43 -12.55
C THR C 120 37.13 3.21 -11.41
N VAL C 121 37.22 1.95 -10.96
CA VAL C 121 38.09 1.60 -9.85
C VAL C 121 39.15 0.60 -10.31
N SER D 1 15.01 -14.61 1.99
CA SER D 1 16.14 -14.39 1.11
C SER D 1 15.72 -13.53 -0.07
N ASP D 2 16.70 -13.22 -0.93
CA ASP D 2 16.42 -12.39 -2.10
C ASP D 2 15.41 -13.05 -3.03
N ILE D 3 14.55 -12.23 -3.58
CA ILE D 3 13.58 -12.67 -4.58
C ILE D 3 14.35 -12.81 -5.89
N GLN D 4 14.23 -13.95 -6.55
CA GLN D 4 14.93 -14.09 -7.82
C GLN D 4 13.90 -13.77 -8.88
N MET D 5 14.31 -12.95 -9.85
CA MET D 5 13.44 -12.52 -10.95
C MET D 5 13.94 -13.13 -12.26
N THR D 6 13.57 -14.37 -12.50
CA THR D 6 13.96 -15.03 -13.73
C THR D 6 13.25 -14.40 -14.92
N GLN D 7 13.98 -13.71 -15.78
CA GLN D 7 13.40 -13.01 -16.92
C GLN D 7 13.74 -13.79 -18.17
N SER D 8 12.76 -14.00 -19.04
CA SER D 8 13.08 -14.79 -20.22
C SER D 8 12.29 -14.28 -21.40
N PRO D 9 12.84 -14.34 -22.62
CA PRO D 9 14.18 -14.79 -22.96
C PRO D 9 15.19 -13.67 -22.69
N SER D 10 16.48 -14.01 -22.60
CA SER D 10 17.50 -12.99 -22.32
C SER D 10 17.62 -12.01 -23.48
N SER D 11 17.36 -12.48 -24.70
CA SER D 11 17.44 -11.65 -25.90
C SER D 11 16.51 -12.26 -26.92
N LEU D 12 15.97 -11.42 -27.78
CA LEU D 12 15.09 -11.89 -28.84
C LEU D 12 15.14 -10.93 -30.00
N SER D 13 14.88 -11.46 -31.18
CA SER D 13 14.87 -10.69 -32.40
C SER D 13 13.48 -10.74 -33.01
N ALA D 14 13.05 -9.62 -33.56
CA ALA D 14 11.75 -9.50 -34.20
C ALA D 14 11.81 -8.36 -35.21
N SER D 15 10.81 -8.30 -36.05
CA SER D 15 10.71 -7.29 -37.10
C SER D 15 9.68 -6.23 -36.72
N VAL D 16 9.68 -5.15 -37.50
CA VAL D 16 8.75 -4.05 -37.31
C VAL D 16 7.31 -4.52 -37.52
N GLY D 17 6.50 -4.48 -36.46
CA GLY D 17 5.11 -4.88 -36.50
C GLY D 17 4.77 -6.14 -35.75
N ASP D 18 5.77 -6.87 -35.30
CA ASP D 18 5.57 -8.10 -34.55
C ASP D 18 5.14 -7.82 -33.13
N ARG D 19 4.40 -8.77 -32.58
CA ARG D 19 3.94 -8.71 -31.20
C ARG D 19 5.02 -9.39 -30.37
N VAL D 20 5.60 -8.65 -29.46
CA VAL D 20 6.72 -9.14 -28.66
C VAL D 20 6.18 -9.43 -27.27
N THR D 21 6.55 -10.59 -26.75
CA THR D 21 6.13 -11.01 -25.42
C THR D 21 7.35 -11.29 -24.58
N ILE D 22 7.55 -10.48 -23.54
CA ILE D 22 8.66 -10.65 -22.62
C ILE D 22 8.10 -11.09 -21.28
N THR D 23 8.40 -12.32 -20.89
CA THR D 23 7.94 -12.87 -19.62
C THR D 23 9.00 -12.71 -18.56
N CYS D 24 8.55 -12.75 -17.31
CA CYS D 24 9.45 -12.59 -16.18
C CYS D 24 8.72 -13.24 -15.02
N ARG D 25 9.26 -14.35 -14.52
CA ARG D 25 8.62 -15.11 -13.47
C ARG D 25 9.37 -14.91 -12.18
N ALA D 26 8.63 -14.62 -11.12
CA ALA D 26 9.22 -14.41 -9.83
C ALA D 26 9.31 -15.72 -9.05
N SER D 27 10.45 -15.89 -8.37
CA SER D 27 10.76 -17.09 -7.60
C SER D 27 9.79 -17.30 -6.44
N GLN D 28 9.11 -16.25 -6.01
CA GLN D 28 8.14 -16.35 -4.94
C GLN D 28 7.06 -15.33 -5.26
N SER D 29 5.93 -15.43 -4.55
CA SER D 29 4.82 -14.54 -4.83
C SER D 29 5.05 -13.06 -4.57
N VAL D 30 4.80 -12.26 -5.61
CA VAL D 30 4.86 -10.81 -5.64
C VAL D 30 3.47 -10.39 -6.08
N SER D 31 2.78 -9.58 -5.27
CA SER D 31 1.38 -9.34 -5.63
C SER D 31 1.18 -8.52 -6.92
N SER D 32 1.16 -7.21 -6.82
CA SER D 32 1.01 -6.39 -8.02
C SER D 32 2.24 -5.55 -8.26
N ALA D 33 3.29 -5.78 -7.47
CA ALA D 33 4.52 -5.01 -7.54
C ALA D 33 5.43 -5.34 -8.72
N VAL D 34 5.03 -4.98 -9.93
CA VAL D 34 5.90 -5.24 -11.06
C VAL D 34 6.02 -3.97 -11.88
N ALA D 35 7.24 -3.60 -12.24
CA ALA D 35 7.49 -2.47 -13.12
C ALA D 35 8.26 -2.95 -14.35
N TRP D 36 8.06 -2.25 -15.45
CA TRP D 36 8.82 -2.48 -16.67
C TRP D 36 9.55 -1.21 -17.07
N TYR D 37 10.84 -1.32 -17.34
CA TYR D 37 11.65 -0.15 -17.69
C TYR D 37 12.24 -0.26 -19.08
N GLN D 38 12.42 0.90 -19.71
CA GLN D 38 13.08 0.97 -21.00
C GLN D 38 14.35 1.77 -20.80
N GLN D 39 15.47 1.16 -21.15
CA GLN D 39 16.77 1.79 -21.11
C GLN D 39 17.42 1.74 -22.48
N LYS D 40 17.79 2.81 -22.94
CA LYS D 40 18.48 2.73 -24.20
C LYS D 40 19.97 2.85 -23.92
N PRO D 41 20.84 2.28 -24.78
CA PRO D 41 22.29 2.28 -24.51
C PRO D 41 22.82 3.69 -24.29
N GLY D 42 23.52 3.86 -23.17
CA GLY D 42 24.08 5.16 -22.88
C GLY D 42 23.08 6.15 -22.32
N LYS D 43 21.83 5.74 -22.14
CA LYS D 43 20.76 6.60 -21.67
C LYS D 43 20.21 6.08 -20.35
N ALA D 44 19.50 6.94 -19.70
CA ALA D 44 18.87 6.62 -18.44
C ALA D 44 17.57 5.85 -18.64
N PRO D 45 17.24 4.94 -17.73
CA PRO D 45 16.00 4.16 -17.81
C PRO D 45 14.73 5.00 -17.86
N LYS D 46 13.76 4.53 -18.63
CA LYS D 46 12.44 5.13 -18.70
C LYS D 46 11.39 4.20 -18.13
N LEU D 47 10.54 4.73 -17.26
CA LEU D 47 9.44 3.96 -16.69
C LEU D 47 8.41 3.62 -17.77
N LEU D 48 8.00 2.36 -17.86
CA LEU D 48 6.98 2.00 -18.84
C LEU D 48 5.67 1.54 -18.21
N ILE D 49 5.72 0.61 -17.27
CA ILE D 49 4.50 0.06 -16.67
C ILE D 49 4.70 0.12 -15.17
N TYR D 50 3.65 0.41 -14.41
CA TYR D 50 3.72 0.28 -12.98
C TYR D 50 2.46 -0.42 -12.51
N SER D 51 2.56 -1.01 -11.31
CA SER D 51 1.49 -1.77 -10.66
C SER D 51 0.97 -2.86 -11.59
N ALA D 52 1.92 -3.57 -12.18
CA ALA D 52 1.79 -4.72 -13.08
C ALA D 52 1.18 -4.37 -14.42
N SER D 53 0.00 -3.76 -14.42
CA SER D 53 -0.71 -3.53 -15.67
C SER D 53 -1.07 -2.07 -15.97
N SER D 54 -0.80 -1.15 -15.07
CA SER D 54 -1.15 0.25 -15.27
C SER D 54 -0.13 1.00 -16.11
N LEU D 55 -0.56 1.47 -17.27
CA LEU D 55 0.31 2.22 -18.17
C LEU D 55 0.61 3.58 -17.57
N TYR D 56 1.90 3.89 -17.45
CA TYR D 56 2.32 5.17 -16.92
C TYR D 56 2.01 6.31 -17.88
N SER D 57 1.79 7.50 -17.31
CA SER D 57 1.40 8.69 -18.07
C SER D 57 2.48 9.08 -19.06
N GLY D 58 2.06 9.37 -20.28
CA GLY D 58 2.97 9.81 -21.32
C GLY D 58 3.62 8.68 -22.08
N VAL D 59 3.30 7.45 -21.73
CA VAL D 59 3.86 6.27 -22.37
C VAL D 59 2.89 5.82 -23.44
N PRO D 60 3.37 5.55 -24.67
CA PRO D 60 2.50 5.09 -25.77
C PRO D 60 1.59 3.92 -25.39
N SER D 61 0.37 3.96 -25.94
CA SER D 61 -0.66 2.97 -25.63
C SER D 61 -0.40 1.58 -26.16
N ARG D 62 0.62 1.40 -27.00
CA ARG D 62 0.95 0.06 -27.50
C ARG D 62 1.54 -0.82 -26.41
N PHE D 63 2.06 -0.23 -25.35
CA PHE D 63 2.57 -0.96 -24.19
C PHE D 63 1.47 -1.31 -23.21
N SER D 64 1.39 -2.59 -22.85
CA SER D 64 0.44 -3.08 -21.85
C SER D 64 1.09 -4.17 -21.02
N GLY D 65 0.60 -4.31 -19.79
CA GLY D 65 1.12 -5.29 -18.85
C GLY D 65 0.02 -6.23 -18.40
N SER D 66 0.41 -7.47 -18.10
CA SER D 66 -0.54 -8.47 -17.66
C SER D 66 0.10 -9.32 -16.57
N ARG D 67 -0.76 -9.93 -15.76
CA ARG D 67 -0.33 -10.81 -14.69
C ARG D 67 -1.17 -12.06 -14.65
N SER D 68 -0.52 -13.20 -14.72
CA SER D 68 -1.15 -14.49 -14.47
C SER D 68 -0.36 -15.15 -13.33
N GLY D 69 -0.90 -15.06 -12.13
CA GLY D 69 -0.23 -15.59 -10.96
C GLY D 69 1.10 -14.88 -10.75
N THR D 70 2.18 -15.65 -10.73
CA THR D 70 3.52 -15.12 -10.58
C THR D 70 4.20 -14.85 -11.92
N ASP D 71 3.45 -14.98 -13.02
CA ASP D 71 3.95 -14.70 -14.37
C ASP D 71 3.48 -13.33 -14.82
N PHE D 72 4.37 -12.59 -15.44
CA PHE D 72 4.10 -11.25 -15.90
C PHE D 72 4.56 -11.10 -17.33
N THR D 73 3.78 -10.39 -18.12
CA THR D 73 4.00 -10.31 -19.55
C THR D 73 4.01 -8.85 -19.94
N LEU D 74 5.06 -8.45 -20.66
CA LEU D 74 5.15 -7.14 -21.29
C LEU D 74 4.92 -7.31 -22.77
N THR D 75 3.85 -6.72 -23.26
CA THR D 75 3.48 -6.82 -24.66
C THR D 75 3.62 -5.48 -25.37
N ILE D 76 4.26 -5.51 -26.53
CA ILE D 76 4.32 -4.36 -27.42
C ILE D 76 3.49 -4.79 -28.61
N SER D 77 2.32 -4.18 -28.77
CA SER D 77 1.41 -4.59 -29.84
C SER D 77 1.95 -4.28 -31.22
N SER D 78 2.20 -3.01 -31.49
CA SER D 78 2.73 -2.58 -32.78
C SER D 78 4.12 -2.00 -32.56
N LEU D 79 5.13 -2.84 -32.79
CA LEU D 79 6.54 -2.49 -32.58
C LEU D 79 6.96 -1.29 -33.42
N GLN D 80 7.29 -0.21 -32.77
CA GLN D 80 7.68 1.06 -33.33
C GLN D 80 9.21 1.14 -33.45
N PRO D 81 9.72 1.95 -34.39
CA PRO D 81 11.18 2.05 -34.62
C PRO D 81 12.04 2.43 -33.41
N GLU D 82 11.47 2.98 -32.36
CA GLU D 82 12.26 3.39 -31.20
C GLU D 82 12.12 2.46 -30.01
N ASP D 83 11.37 1.38 -30.14
CA ASP D 83 11.16 0.48 -29.02
C ASP D 83 12.21 -0.61 -28.93
N PHE D 84 13.39 -0.39 -29.51
CA PHE D 84 14.45 -1.37 -29.49
C PHE D 84 15.43 -0.95 -28.42
N ALA D 85 15.47 -1.71 -27.34
CA ALA D 85 16.32 -1.40 -26.21
C ALA D 85 16.42 -2.60 -25.29
N THR D 86 16.86 -2.38 -24.06
CA THR D 86 16.89 -3.44 -23.07
C THR D 86 15.76 -3.16 -22.09
N TYR D 87 14.97 -4.18 -21.79
CA TYR D 87 13.81 -4.04 -20.92
C TYR D 87 14.04 -4.82 -19.64
N TYR D 88 13.78 -4.18 -18.50
CA TYR D 88 13.98 -4.81 -17.21
C TYR D 88 12.68 -4.95 -16.44
N CYS D 89 12.52 -6.08 -15.77
CA CYS D 89 11.46 -6.20 -14.78
C CYS D 89 11.95 -5.82 -13.39
N GLN D 90 11.02 -5.67 -12.47
CA GLN D 90 11.31 -5.27 -11.11
C GLN D 90 10.23 -5.73 -10.16
N GLN D 91 10.59 -6.42 -9.08
CA GLN D 91 9.64 -6.68 -8.02
C GLN D 91 9.84 -5.61 -6.95
N TYR D 92 8.76 -5.18 -6.34
CA TYR D 92 8.94 -4.17 -5.30
C TYR D 92 7.99 -4.39 -4.14
N LYS D 93 7.62 -5.64 -3.87
CA LYS D 93 6.81 -5.94 -2.70
C LYS D 93 7.66 -6.31 -1.50
N TYR D 94 8.84 -6.86 -1.72
CA TYR D 94 9.73 -7.22 -0.62
C TYR D 94 11.02 -6.44 -0.73
N VAL D 95 11.57 -6.09 0.43
CA VAL D 95 12.89 -5.47 0.51
C VAL D 95 13.94 -6.57 0.64
N PRO D 96 15.03 -6.54 -0.14
CA PRO D 96 15.42 -5.57 -1.15
C PRO D 96 14.74 -5.76 -2.49
N VAL D 97 14.46 -4.64 -3.14
CA VAL D 97 14.00 -4.64 -4.51
C VAL D 97 15.10 -5.15 -5.44
N THR D 98 14.77 -6.08 -6.34
CA THR D 98 15.76 -6.70 -7.20
C THR D 98 15.27 -6.63 -8.63
N PHE D 99 16.19 -6.47 -9.57
CA PHE D 99 15.76 -6.32 -10.95
C PHE D 99 16.15 -7.55 -11.75
N GLY D 100 15.49 -7.73 -12.89
CA GLY D 100 15.82 -8.82 -13.78
C GLY D 100 17.01 -8.51 -14.65
N GLN D 101 17.61 -9.56 -15.23
CA GLN D 101 18.81 -9.38 -16.05
C GLN D 101 18.57 -8.56 -17.30
N GLY D 102 17.34 -8.47 -17.77
CA GLY D 102 17.10 -7.64 -18.92
C GLY D 102 16.84 -8.44 -20.18
N THR D 103 16.05 -7.87 -21.08
CA THR D 103 15.82 -8.48 -22.38
C THR D 103 16.09 -7.42 -23.43
N LYS D 104 17.14 -7.60 -24.20
CA LYS D 104 17.51 -6.70 -25.28
C LYS D 104 16.75 -7.08 -26.55
N VAL D 105 15.95 -6.17 -27.08
CA VAL D 105 15.24 -6.43 -28.31
C VAL D 105 15.96 -5.70 -29.44
N GLU D 106 16.26 -6.43 -30.50
CA GLU D 106 16.98 -5.91 -31.65
C GLU D 106 16.25 -6.25 -32.93
N ILE D 107 16.50 -5.46 -33.97
CA ILE D 107 15.83 -5.68 -35.24
C ILE D 107 16.41 -6.89 -35.95
N ASP E 13 -6.43 -21.61 17.50
CA ASP E 13 -5.26 -21.15 18.24
C ASP E 13 -4.29 -20.42 17.33
N GLU E 14 -4.78 -19.99 16.17
CA GLU E 14 -3.99 -19.21 15.22
C GLU E 14 -4.93 -18.49 14.25
N CYS E 16 -4.92 -17.56 9.68
CA CYS E 16 -4.22 -17.47 8.40
C CYS E 16 -4.00 -16.02 8.02
N ALA E 19 -4.55 -13.34 2.04
CA ALA E 19 -3.92 -13.65 0.77
C ALA E 19 -4.60 -12.89 -0.36
N LEU E 23 -9.51 -13.50 -10.35
CA LEU E 23 -10.84 -13.08 -10.81
C LEU E 23 -10.78 -12.83 -12.30
N ALA E 24 -11.51 -13.61 -13.10
CA ALA E 24 -11.45 -13.45 -14.55
C ALA E 24 -12.07 -12.12 -14.99
N LYS E 25 -11.65 -11.68 -16.19
CA LYS E 25 -12.16 -10.47 -16.80
C LYS E 25 -13.41 -10.79 -17.61
N ASP E 26 -14.17 -9.76 -17.94
CA ASP E 26 -15.38 -9.95 -18.70
C ASP E 26 -15.59 -8.89 -19.79
#